data_3A8W
#
_entry.id   3A8W
#
_cell.length_a   85.039
_cell.length_b   89.136
_cell.length_c   206.395
_cell.angle_alpha   90.000
_cell.angle_beta   90.000
_cell.angle_gamma   90.000
#
_symmetry.space_group_name_H-M   'C 2 2 21'
#
loop_
_entity.id
_entity.type
_entity.pdbx_description
1 polymer 'Protein kinase C iota type'
2 non-polymer "ADENOSINE-5'-TRIPHOSPHATE"
3 non-polymer 'SULFATE ION'
4 water water
#
_entity_poly.entity_id   1
_entity_poly.type   'polypeptide(L)'
_entity_poly.pdbx_seq_one_letter_code
;GAMDPLGLQDFDLLRVIGRGSYAKVLLVRLKKTDRIYAMKVVKKELVNDDEDIDWVQTEKHVFEQASNHPFLVGLHSCFQ
TESRLFFVIEYVNGGDLMFHMQRQRKLPEEHARFYSAEISLALNYLHERGIIYRDLKLDNVLLDSEGHIKLTDYGMCKEG
LRPGDTTS(TPO)FCGTPNYIAPEILRGEDYGFSVDWWALGVLMFEMMAGRSPFDIVGSSDNPDQNTEDYLFQVILEKQI
RIPRSLSVKAASVLKSFLNKDPKERLGCHPQTGFADIQGHPFFRNVDWDMMEQKQVVPPFKPNISGEFGLDNFDSQFTNE
PVQL(TPO)PDDDDIVRKIDQSEFEGFEYINPL
;
_entity_poly.pdbx_strand_id   A,B
#
loop_
_chem_comp.id
_chem_comp.type
_chem_comp.name
_chem_comp.formula
ATP non-polymer ADENOSINE-5'-TRIPHOSPHATE 'C10 H16 N5 O13 P3'
SO4 non-polymer 'SULFATE ION' 'O4 S -2'
#
# COMPACT_ATOMS: atom_id res chain seq x y z
N MET A 3 4.87 11.17 12.07
CA MET A 3 4.25 9.84 12.31
C MET A 3 2.84 9.95 12.91
N ASP A 4 2.29 11.16 12.90
CA ASP A 4 0.92 11.43 13.37
C ASP A 4 -0.12 11.25 12.27
N PRO A 5 -1.41 11.07 12.64
CA PRO A 5 -2.53 10.87 11.70
C PRO A 5 -2.82 12.07 10.78
N LEU A 6 -3.25 11.78 9.54
CA LEU A 6 -3.18 12.75 8.44
C LEU A 6 -4.07 13.97 8.61
N GLY A 7 -3.59 15.11 8.14
CA GLY A 7 -4.37 16.33 8.15
C GLY A 7 -4.04 17.14 6.91
N LEU A 8 -4.72 18.26 6.78
CA LEU A 8 -4.48 19.18 5.66
C LEU A 8 -3.01 19.49 5.58
N GLN A 9 -2.40 19.67 6.75
CA GLN A 9 -1.00 20.06 6.86
C GLN A 9 -0.07 19.17 6.05
N ASP A 10 -0.51 17.93 5.79
CA ASP A 10 0.32 16.93 5.12
C ASP A 10 0.17 16.91 3.61
N PHE A 11 -0.63 17.82 3.07
CA PHE A 11 -0.92 17.78 1.65
C PHE A 11 -0.55 19.06 0.92
N ASP A 12 -0.03 18.93 -0.30
CA ASP A 12 0.01 20.05 -1.23
C ASP A 12 -1.30 20.05 -2.01
N LEU A 13 -2.02 21.17 -1.98
CA LEU A 13 -3.13 21.37 -2.92
C LEU A 13 -2.61 21.67 -4.32
N LEU A 14 -2.94 20.85 -5.29
CA LEU A 14 -2.37 21.03 -6.63
C LEU A 14 -3.33 21.72 -7.61
N ARG A 15 -4.60 21.33 -7.61
CA ARG A 15 -5.56 21.86 -8.58
C ARG A 15 -7.00 21.56 -8.17
N VAL A 16 -7.91 22.43 -8.57
CA VAL A 16 -9.32 22.12 -8.44
C VAL A 16 -9.72 21.43 -9.71
N ILE A 17 -10.36 20.25 -9.59
CA ILE A 17 -10.67 19.41 -10.76
C ILE A 17 -12.15 19.13 -10.96
N GLY A 18 -12.97 19.42 -9.97
CA GLY A 18 -14.37 19.02 -10.05
C GLY A 18 -15.19 19.63 -8.94
N ARG A 19 -16.50 19.75 -9.21
CA ARG A 19 -17.52 20.18 -8.27
C ARG A 19 -18.80 19.40 -8.51
N GLY A 20 -19.39 18.88 -7.43
CA GLY A 20 -20.71 18.29 -7.51
C GLY A 20 -21.62 19.01 -6.54
N SER A 21 -22.76 18.41 -6.24
CA SER A 21 -23.71 18.91 -5.26
C SER A 21 -23.14 18.96 -3.83
N TYR A 22 -22.18 18.09 -3.56
CA TYR A 22 -21.61 18.00 -2.23
C TYR A 22 -20.15 18.43 -2.16
N ALA A 23 -19.35 17.91 -3.08
CA ALA A 23 -17.92 18.00 -2.98
C ALA A 23 -17.36 19.06 -3.91
N LYS A 24 -16.39 19.79 -3.38
CA LYS A 24 -15.32 20.37 -4.19
C LYS A 24 -14.18 19.38 -4.23
N VAL A 25 -13.75 19.03 -5.45
CA VAL A 25 -12.79 17.96 -5.68
C VAL A 25 -11.46 18.52 -6.18
N LEU A 26 -10.39 18.16 -5.49
CA LEU A 26 -9.09 18.74 -5.72
C LEU A 26 -8.10 17.63 -6.03
N LEU A 27 -7.09 17.95 -6.82
CA LEU A 27 -5.91 17.11 -6.98
C LEU A 27 -4.92 17.53 -5.92
N VAL A 28 -4.41 16.55 -5.17
CA VAL A 28 -3.53 16.85 -4.06
C VAL A 28 -2.34 15.91 -4.10
N ARG A 29 -1.31 16.21 -3.31
CA ARG A 29 -0.12 15.35 -3.26
C ARG A 29 0.23 15.18 -1.82
N LEU A 30 0.33 13.93 -1.40
CA LEU A 30 0.73 13.64 -0.04
C LEU A 30 2.25 13.86 0.06
N LYS A 31 2.66 14.92 0.75
CA LYS A 31 4.05 15.37 0.68
C LYS A 31 5.03 14.22 0.96
N LYS A 32 4.88 13.60 2.13
CA LYS A 32 5.89 12.69 2.66
C LYS A 32 6.07 11.42 1.85
N THR A 33 5.20 11.20 0.86
CA THR A 33 5.30 10.04 -0.02
C THR A 33 5.36 10.43 -1.50
N ASP A 34 5.10 11.70 -1.80
CA ASP A 34 5.12 12.17 -3.19
C ASP A 34 4.04 11.55 -4.07
N ARG A 35 3.03 10.93 -3.44
CA ARG A 35 1.94 10.34 -4.23
C ARG A 35 0.81 11.35 -4.41
N ILE A 36 0.09 11.23 -5.51
CA ILE A 36 -1.02 12.13 -5.80
C ILE A 36 -2.36 11.44 -5.65
N TYR A 37 -3.35 12.21 -5.21
CA TYR A 37 -4.69 11.71 -4.99
C TYR A 37 -5.71 12.79 -5.35
N ALA A 38 -6.93 12.38 -5.63
CA ALA A 38 -8.05 13.28 -5.58
C ALA A 38 -8.48 13.42 -4.14
N MET A 39 -9.03 14.58 -3.82
CA MET A 39 -9.57 14.83 -2.50
C MET A 39 -10.94 15.51 -2.58
N LYS A 40 -11.98 14.83 -2.11
CA LYS A 40 -13.29 15.41 -2.00
C LYS A 40 -13.42 16.24 -0.73
N VAL A 41 -13.83 17.49 -0.91
CA VAL A 41 -13.91 18.45 0.18
C VAL A 41 -15.36 18.80 0.35
N VAL A 42 -15.92 18.38 1.48
CA VAL A 42 -17.32 18.59 1.79
C VAL A 42 -17.44 19.44 3.04
N LYS A 43 -18.08 20.60 2.89
CA LYS A 43 -18.30 21.49 4.02
C LYS A 43 -19.29 20.87 4.99
N LYS A 44 -18.97 20.96 6.28
CA LYS A 44 -19.84 20.39 7.31
C LYS A 44 -21.26 20.95 7.33
N GLU A 45 -21.39 22.23 6.94
CA GLU A 45 -22.71 22.86 6.84
C GLU A 45 -23.63 22.10 5.91
N LEU A 46 -23.08 21.24 5.05
CA LEU A 46 -23.94 20.49 4.15
C LEU A 46 -24.50 19.25 4.83
N VAL A 47 -23.85 18.81 5.90
CA VAL A 47 -24.15 17.47 6.44
C VAL A 47 -24.24 17.51 7.95
N ASN A 48 -25.02 18.48 8.44
CA ASN A 48 -25.12 18.77 9.88
C ASN A 48 -26.56 18.65 10.35
N ILE A 53 -26.72 14.60 6.76
CA ILE A 53 -26.93 13.72 7.92
C ILE A 53 -26.04 12.45 7.86
N ASP A 54 -26.61 11.30 7.52
CA ASP A 54 -25.80 10.11 7.23
C ASP A 54 -25.50 9.85 5.75
N TRP A 55 -25.47 10.93 4.98
CA TRP A 55 -24.69 10.94 3.77
C TRP A 55 -23.27 10.43 4.15
N VAL A 56 -22.76 10.95 5.25
CA VAL A 56 -21.37 10.71 5.64
C VAL A 56 -21.04 9.24 5.80
N GLN A 57 -21.83 8.52 6.57
CA GLN A 57 -21.51 7.13 6.90
C GLN A 57 -21.56 6.24 5.67
N THR A 58 -22.51 6.54 4.79
CA THR A 58 -22.68 5.76 3.59
C THR A 58 -21.50 5.94 2.66
N GLU A 59 -21.08 7.17 2.44
CA GLU A 59 -19.90 7.41 1.62
C GLU A 59 -18.71 6.68 2.21
N LYS A 60 -18.47 6.90 3.50
CA LYS A 60 -17.32 6.33 4.18
C LYS A 60 -17.30 4.80 4.05
N HIS A 61 -18.41 4.16 4.36
CA HIS A 61 -18.54 2.71 4.22
C HIS A 61 -18.38 2.20 2.81
N VAL A 62 -19.10 2.78 1.86
CA VAL A 62 -18.94 2.37 0.47
C VAL A 62 -17.49 2.50 0.01
N PHE A 63 -16.90 3.70 0.20
CA PHE A 63 -15.47 3.90 -0.15
C PHE A 63 -14.60 2.81 0.43
N GLU A 64 -14.86 2.48 1.68
CA GLU A 64 -14.13 1.46 2.41
C GLU A 64 -14.39 0.09 1.81
N GLN A 65 -15.66 -0.34 1.87
CA GLN A 65 -16.10 -1.60 1.29
C GLN A 65 -15.54 -1.77 -0.12
N ALA A 66 -15.23 -0.66 -0.78
CA ALA A 66 -14.67 -0.70 -2.12
C ALA A 66 -13.18 -0.86 -2.02
N SER A 67 -12.48 0.27 -2.06
CA SER A 67 -11.03 0.37 -1.94
C SER A 67 -10.26 -0.91 -2.32
N ASN A 68 -9.31 -0.77 -3.22
CA ASN A 68 -8.50 -1.90 -3.59
C ASN A 68 -9.18 -2.86 -4.57
N HIS A 69 -10.49 -2.73 -4.79
CA HIS A 69 -11.11 -3.36 -5.97
C HIS A 69 -10.64 -2.61 -7.22
N PRO A 70 -10.33 -3.33 -8.30
CA PRO A 70 -9.70 -2.68 -9.44
C PRO A 70 -10.60 -1.63 -10.13
N PHE A 71 -11.91 -1.80 -10.06
CA PHE A 71 -12.81 -0.97 -10.85
C PHE A 71 -13.69 -0.07 -9.99
N LEU A 72 -13.32 0.14 -8.73
CA LEU A 72 -14.01 1.09 -7.90
C LEU A 72 -13.02 2.07 -7.33
N VAL A 73 -13.45 3.32 -7.15
CA VAL A 73 -12.58 4.33 -6.59
C VAL A 73 -12.40 4.06 -5.11
N GLY A 74 -11.16 3.85 -4.69
CA GLY A 74 -10.82 3.51 -3.32
C GLY A 74 -10.44 4.69 -2.42
N LEU A 75 -10.49 4.43 -1.12
CA LEU A 75 -10.32 5.46 -0.12
C LEU A 75 -8.93 5.34 0.46
N HIS A 76 -8.15 6.41 0.34
CA HIS A 76 -6.86 6.47 1.03
C HIS A 76 -6.95 6.92 2.50
N SER A 77 -7.68 7.98 2.77
CA SER A 77 -7.75 8.53 4.11
C SER A 77 -8.85 9.58 4.21
N CYS A 78 -9.29 9.85 5.44
CA CYS A 78 -10.32 10.82 5.75
C CYS A 78 -9.78 11.63 6.91
N PHE A 79 -10.01 12.92 6.88
CA PHE A 79 -9.78 13.74 8.06
C PHE A 79 -10.73 14.92 8.00
N GLN A 80 -10.72 15.73 9.06
CA GLN A 80 -11.55 16.91 9.11
C GLN A 80 -10.79 18.15 9.57
N THR A 81 -11.34 19.32 9.25
CA THR A 81 -10.97 20.57 9.89
C THR A 81 -12.23 21.03 10.56
N GLU A 82 -12.21 22.25 11.09
CA GLU A 82 -13.39 22.77 11.78
C GLU A 82 -14.60 22.94 10.86
N SER A 83 -14.35 23.24 9.58
CA SER A 83 -15.44 23.55 8.67
C SER A 83 -15.73 22.43 7.66
N ARG A 84 -14.76 21.54 7.44
CA ARG A 84 -14.84 20.61 6.32
C ARG A 84 -14.51 19.15 6.65
N LEU A 85 -15.09 18.25 5.85
CA LEU A 85 -14.64 16.88 5.72
C LEU A 85 -13.85 16.70 4.44
N PHE A 86 -12.88 15.81 4.50
CA PHE A 86 -12.01 15.53 3.37
C PHE A 86 -11.94 14.02 3.15
N PHE A 87 -12.25 13.58 1.93
CA PHE A 87 -12.02 12.20 1.56
C PHE A 87 -10.89 12.22 0.56
N VAL A 88 -9.76 11.57 0.89
CA VAL A 88 -8.63 11.37 -0.03
C VAL A 88 -8.74 10.03 -0.72
N ILE A 89 -8.80 10.07 -2.06
CA ILE A 89 -9.22 8.94 -2.87
C ILE A 89 -8.35 8.80 -4.10
N GLU A 90 -8.50 7.70 -4.82
CA GLU A 90 -7.69 7.50 -6.02
C GLU A 90 -8.03 8.54 -7.09
N TYR A 91 -6.98 9.14 -7.64
CA TYR A 91 -7.04 10.09 -8.75
C TYR A 91 -7.21 9.33 -10.06
N VAL A 92 -8.36 9.50 -10.71
CA VAL A 92 -8.63 8.82 -11.97
C VAL A 92 -8.76 9.83 -13.10
N ASN A 93 -7.78 9.82 -14.03
CA ASN A 93 -7.57 10.99 -14.89
C ASN A 93 -7.64 10.76 -16.39
N GLY A 94 -8.34 9.70 -16.81
CA GLY A 94 -8.51 9.41 -18.22
C GLY A 94 -9.84 9.83 -18.83
N GLY A 95 -10.56 10.74 -18.16
CA GLY A 95 -11.90 11.13 -18.61
C GLY A 95 -12.99 10.19 -18.15
N ASP A 96 -14.10 10.17 -18.87
CA ASP A 96 -15.25 9.36 -18.47
C ASP A 96 -16.02 8.93 -19.69
N LEU A 97 -16.86 7.93 -19.53
CA LEU A 97 -17.54 7.36 -20.66
C LEU A 97 -18.37 8.38 -21.42
N MET A 98 -18.86 9.39 -20.71
CA MET A 98 -19.72 10.43 -21.29
C MET A 98 -18.96 11.13 -22.42
N PHE A 99 -17.93 11.89 -22.06
CA PHE A 99 -17.02 12.52 -23.00
C PHE A 99 -16.60 11.55 -24.10
N HIS A 100 -16.24 10.34 -23.70
CA HIS A 100 -15.81 9.34 -24.64
C HIS A 100 -16.89 8.98 -25.66
N MET A 101 -18.15 8.92 -25.23
CA MET A 101 -19.25 8.66 -26.16
C MET A 101 -19.44 9.83 -27.14
N GLN A 102 -19.24 11.03 -26.65
CA GLN A 102 -19.34 12.22 -27.49
C GLN A 102 -18.39 12.20 -28.69
N ARG A 103 -17.11 11.95 -28.43
CA ARG A 103 -16.12 11.82 -29.51
C ARG A 103 -16.39 10.59 -30.39
N GLN A 104 -16.63 9.44 -29.76
CA GLN A 104 -16.75 8.21 -30.52
C GLN A 104 -18.10 8.08 -31.21
N ARG A 105 -19.12 8.71 -30.65
CA ARG A 105 -20.47 8.68 -31.19
C ARG A 105 -21.12 7.34 -30.91
N LYS A 106 -20.34 6.29 -31.04
CA LYS A 106 -20.88 4.94 -30.99
C LYS A 106 -19.72 3.96 -30.93
N LEU A 107 -19.79 3.00 -30.03
CA LEU A 107 -18.66 2.11 -29.82
C LEU A 107 -18.89 0.82 -30.55
N PRO A 108 -17.81 0.22 -31.04
CA PRO A 108 -17.82 -1.15 -31.52
C PRO A 108 -18.31 -2.09 -30.43
N GLU A 109 -18.96 -3.17 -30.82
CA GLU A 109 -19.56 -4.09 -29.88
C GLU A 109 -18.49 -4.68 -28.97
N GLU A 110 -17.30 -4.88 -29.54
CA GLU A 110 -16.14 -5.39 -28.80
C GLU A 110 -15.75 -4.46 -27.66
N HIS A 111 -15.78 -3.15 -27.93
CA HIS A 111 -15.41 -2.13 -26.94
C HIS A 111 -16.44 -2.03 -25.81
N ALA A 112 -17.71 -2.08 -26.18
CA ALA A 112 -18.81 -2.06 -25.24
C ALA A 112 -18.79 -3.32 -24.38
N ARG A 113 -18.44 -4.46 -24.98
CA ARG A 113 -18.24 -5.69 -24.21
C ARG A 113 -17.20 -5.50 -23.10
N PHE A 114 -16.05 -4.92 -23.45
CA PHE A 114 -14.98 -4.70 -22.49
C PHE A 114 -15.44 -3.85 -21.30
N TYR A 115 -16.09 -2.73 -21.60
CA TYR A 115 -16.53 -1.79 -20.56
C TYR A 115 -17.61 -2.41 -19.69
N SER A 116 -18.57 -3.09 -20.32
CA SER A 116 -19.66 -3.67 -19.57
C SER A 116 -19.20 -4.84 -18.69
N ALA A 117 -18.16 -5.55 -19.13
CA ALA A 117 -17.48 -6.57 -18.32
C ALA A 117 -16.88 -5.98 -17.05
N GLU A 118 -16.04 -4.96 -17.20
CA GLU A 118 -15.45 -4.31 -16.04
C GLU A 118 -16.51 -3.70 -15.12
N ILE A 119 -17.55 -3.11 -15.71
CA ILE A 119 -18.63 -2.54 -14.91
C ILE A 119 -19.38 -3.63 -14.14
N SER A 120 -19.72 -4.71 -14.83
CA SER A 120 -20.38 -5.88 -14.24
C SER A 120 -19.64 -6.43 -13.02
N LEU A 121 -18.32 -6.50 -13.12
CA LEU A 121 -17.48 -7.04 -12.04
C LEU A 121 -17.56 -6.11 -10.84
N ALA A 122 -17.37 -4.81 -11.09
CA ALA A 122 -17.59 -3.78 -10.10
C ALA A 122 -18.98 -3.83 -9.45
N LEU A 123 -20.03 -3.91 -10.25
CA LEU A 123 -21.38 -3.96 -9.67
C LEU A 123 -21.58 -5.21 -8.80
N ASN A 124 -21.20 -6.38 -9.32
CA ASN A 124 -21.32 -7.62 -8.57
C ASN A 124 -20.59 -7.52 -7.23
N TYR A 125 -19.35 -7.03 -7.26
CA TYR A 125 -18.57 -6.90 -6.06
C TYR A 125 -19.30 -6.04 -5.03
N LEU A 126 -19.79 -4.90 -5.47
CA LEU A 126 -20.62 -4.05 -4.64
C LEU A 126 -21.77 -4.87 -4.07
N HIS A 127 -22.45 -5.61 -4.94
CA HIS A 127 -23.67 -6.30 -4.55
C HIS A 127 -23.39 -7.37 -3.49
N GLU A 128 -22.31 -8.13 -3.65
CA GLU A 128 -22.00 -9.18 -2.67
C GLU A 128 -21.57 -8.61 -1.29
N ARG A 129 -21.39 -7.30 -1.24
CA ARG A 129 -21.10 -6.64 0.04
C ARG A 129 -22.30 -5.84 0.53
N GLY A 130 -23.48 -6.17 -0.03
CA GLY A 130 -24.74 -5.59 0.40
C GLY A 130 -25.01 -4.17 -0.07
N ILE A 131 -24.40 -3.77 -1.19
CA ILE A 131 -24.54 -2.39 -1.68
C ILE A 131 -25.23 -2.29 -3.05
N ILE A 132 -26.29 -1.52 -3.13
CA ILE A 132 -26.87 -1.12 -4.41
C ILE A 132 -26.28 0.21 -4.84
N TYR A 133 -25.63 0.21 -6.00
CA TYR A 133 -24.98 1.41 -6.52
C TYR A 133 -25.98 2.53 -6.78
N ARG A 134 -26.95 2.24 -7.62
CA ARG A 134 -28.11 3.11 -7.83
C ARG A 134 -27.84 4.36 -8.68
N ASP A 135 -26.62 4.57 -9.14
CA ASP A 135 -26.36 5.75 -9.98
C ASP A 135 -25.44 5.50 -11.20
N LEU A 136 -25.52 4.31 -11.79
CA LEU A 136 -24.73 4.00 -12.97
C LEU A 136 -25.22 4.83 -14.16
N LYS A 137 -24.29 5.55 -14.78
CA LYS A 137 -24.58 6.34 -15.95
C LYS A 137 -23.23 6.73 -16.57
N LEU A 138 -23.24 7.16 -17.82
CA LEU A 138 -21.99 7.44 -18.53
C LEU A 138 -21.02 8.32 -17.76
N ASP A 139 -21.51 9.35 -17.09
CA ASP A 139 -20.54 10.25 -16.45
C ASP A 139 -20.08 9.79 -15.07
N ASN A 140 -20.62 8.67 -14.59
CA ASN A 140 -20.16 8.06 -13.36
C ASN A 140 -19.20 6.89 -13.64
N VAL A 141 -18.92 6.66 -14.91
CA VAL A 141 -17.87 5.69 -15.27
C VAL A 141 -16.61 6.40 -15.75
N LEU A 142 -15.64 6.51 -14.85
CA LEU A 142 -14.42 7.21 -15.14
C LEU A 142 -13.51 6.22 -15.87
N LEU A 143 -12.49 6.74 -16.52
CA LEU A 143 -11.45 5.88 -17.10
C LEU A 143 -10.15 6.22 -16.41
N ASP A 144 -9.40 5.21 -16.01
CA ASP A 144 -8.08 5.50 -15.52
C ASP A 144 -7.13 5.75 -16.68
N SER A 145 -5.88 6.05 -16.36
CA SER A 145 -4.91 6.53 -17.34
C SER A 145 -4.67 5.49 -18.42
N GLU A 146 -4.96 4.24 -18.10
CA GLU A 146 -4.64 3.13 -19.00
C GLU A 146 -5.87 2.68 -19.76
N GLY A 147 -7.05 3.14 -19.32
CA GLY A 147 -8.27 2.80 -20.04
C GLY A 147 -9.20 1.84 -19.34
N HIS A 148 -8.90 1.48 -18.10
CA HIS A 148 -9.80 0.60 -17.34
C HIS A 148 -10.86 1.48 -16.66
N ILE A 149 -12.07 0.98 -16.47
CA ILE A 149 -13.11 1.81 -15.88
C ILE A 149 -12.96 1.87 -14.36
N LYS A 150 -13.51 2.91 -13.75
CA LYS A 150 -13.70 2.96 -12.32
C LYS A 150 -15.05 3.61 -12.05
N LEU A 151 -15.92 2.90 -11.32
CA LEU A 151 -17.19 3.50 -10.92
C LEU A 151 -16.93 4.53 -9.85
N THR A 152 -17.63 5.65 -9.95
CA THR A 152 -17.42 6.75 -9.00
C THR A 152 -18.79 7.24 -8.49
N ASP A 153 -18.77 8.11 -7.48
CA ASP A 153 -19.97 8.75 -6.93
C ASP A 153 -20.87 7.76 -6.23
N TYR A 154 -20.63 7.58 -4.95
CA TYR A 154 -21.37 6.61 -4.15
C TYR A 154 -22.52 7.29 -3.41
N GLY A 155 -22.81 8.54 -3.77
CA GLY A 155 -23.83 9.33 -3.10
C GLY A 155 -25.24 8.74 -3.14
N MET A 156 -25.50 7.85 -4.08
CA MET A 156 -26.84 7.29 -4.23
C MET A 156 -26.94 5.90 -3.61
N CYS A 157 -25.81 5.33 -3.19
CA CYS A 157 -25.75 3.91 -2.77
C CYS A 157 -26.69 3.55 -1.62
N LYS A 158 -27.21 2.33 -1.63
CA LYS A 158 -27.83 1.74 -0.44
C LYS A 158 -26.88 0.65 0.06
N GLU A 159 -26.68 0.57 1.36
CA GLU A 159 -25.59 -0.28 1.89
C GLU A 159 -25.94 -1.19 3.07
N GLY A 160 -26.86 -2.12 2.90
CA GLY A 160 -27.08 -3.13 3.94
C GLY A 160 -28.06 -4.23 3.59
N LEU A 161 -27.88 -4.82 2.41
CA LEU A 161 -28.84 -5.79 1.88
C LEU A 161 -28.42 -7.25 2.03
N ARG A 162 -29.15 -7.99 2.87
CA ARG A 162 -28.66 -9.27 3.39
C ARG A 162 -28.84 -10.45 2.45
N PRO A 163 -30.09 -10.87 2.22
CA PRO A 163 -30.34 -12.02 1.37
C PRO A 163 -31.02 -11.61 0.06
N GLY A 164 -32.36 -11.67 0.07
CA GLY A 164 -33.15 -10.98 -0.91
C GLY A 164 -33.25 -9.55 -0.43
N ASP A 165 -34.07 -9.34 0.59
CA ASP A 165 -34.15 -8.05 1.27
C ASP A 165 -34.11 -6.87 0.29
N THR A 166 -34.89 -5.84 0.58
CA THR A 166 -35.19 -4.85 -0.42
C THR A 166 -35.09 -3.47 0.17
N THR A 167 -35.26 -2.47 -0.69
CA THR A 167 -35.30 -1.09 -0.28
C THR A 167 -36.30 -0.33 -1.15
N SER A 168 -36.49 0.96 -0.87
CA SER A 168 -37.74 1.60 -1.32
C SER A 168 -37.60 2.99 -1.93
N TPO A 169 -36.43 3.60 -1.83
CA TPO A 169 -36.31 5.02 -2.15
CB TPO A 169 -35.01 5.56 -1.56
CG2 TPO A 169 -34.98 7.07 -1.65
OG1 TPO A 169 -34.94 5.19 -0.19
P TPO A 169 -33.75 4.27 0.35
O1P TPO A 169 -33.83 3.01 -0.49
O2P TPO A 169 -34.05 4.01 1.81
O3P TPO A 169 -32.52 5.13 0.12
C TPO A 169 -36.36 5.29 -3.63
O TPO A 169 -35.63 4.68 -4.41
N PHE A 170 -37.22 6.23 -4.03
CA PHE A 170 -37.23 6.71 -5.40
C PHE A 170 -36.02 7.60 -5.61
N CYS A 171 -35.08 7.14 -6.43
CA CYS A 171 -33.89 7.93 -6.77
C CYS A 171 -33.19 7.38 -8.00
N GLY A 172 -32.13 8.07 -8.41
CA GLY A 172 -31.36 7.63 -9.56
C GLY A 172 -31.42 8.76 -10.54
N THR A 173 -30.82 8.58 -11.70
CA THR A 173 -30.87 9.61 -12.71
C THR A 173 -31.95 9.20 -13.71
N PRO A 174 -32.85 10.14 -14.04
CA PRO A 174 -34.09 9.83 -14.76
C PRO A 174 -33.90 8.79 -15.87
N ASN A 175 -33.00 9.07 -16.81
CA ASN A 175 -32.80 8.19 -17.97
C ASN A 175 -32.48 6.73 -17.58
N TYR A 176 -31.93 6.54 -16.39
CA TYR A 176 -31.43 5.23 -15.98
C TYR A 176 -32.30 4.50 -14.98
N ILE A 177 -33.39 5.14 -14.58
CA ILE A 177 -34.20 4.61 -13.48
C ILE A 177 -35.02 3.39 -13.90
N ALA A 178 -34.84 2.29 -13.18
CA ALA A 178 -35.56 1.04 -13.41
C ALA A 178 -37.07 1.13 -13.27
N PRO A 179 -37.80 0.27 -14.01
CA PRO A 179 -39.25 0.18 -13.89
C PRO A 179 -39.76 -0.20 -12.50
N GLU A 180 -39.09 -1.11 -11.78
CA GLU A 180 -39.40 -1.41 -10.37
C GLU A 180 -39.63 -0.12 -9.61
N ILE A 181 -38.62 0.75 -9.64
CA ILE A 181 -38.63 1.98 -8.86
C ILE A 181 -39.76 2.85 -9.35
N LEU A 182 -39.88 2.97 -10.66
CA LEU A 182 -40.95 3.76 -11.24
C LEU A 182 -42.34 3.25 -10.86
N ARG A 183 -42.46 1.94 -10.61
CA ARG A 183 -43.72 1.34 -10.20
C ARG A 183 -43.91 1.49 -8.69
N GLY A 184 -42.91 2.07 -8.05
CA GLY A 184 -42.91 2.25 -6.61
C GLY A 184 -42.85 0.93 -5.89
N GLU A 185 -42.17 -0.05 -6.48
CA GLU A 185 -41.98 -1.35 -5.84
C GLU A 185 -40.84 -1.31 -4.84
N ASP A 186 -40.79 -2.33 -3.98
CA ASP A 186 -39.58 -2.63 -3.23
C ASP A 186 -38.62 -3.34 -4.18
N TYR A 187 -37.33 -3.02 -4.07
CA TYR A 187 -36.36 -3.50 -5.03
C TYR A 187 -35.00 -3.81 -4.44
N GLY A 188 -34.27 -4.70 -5.11
CA GLY A 188 -32.86 -4.96 -4.77
C GLY A 188 -31.89 -4.58 -5.88
N PHE A 189 -30.90 -5.44 -6.09
CA PHE A 189 -29.78 -5.17 -7.01
C PHE A 189 -30.24 -5.02 -8.45
N SER A 190 -31.44 -5.52 -8.74
CA SER A 190 -31.99 -5.54 -10.09
C SER A 190 -31.88 -4.20 -10.82
N VAL A 191 -31.96 -3.11 -10.05
CA VAL A 191 -32.00 -1.78 -10.64
C VAL A 191 -30.66 -1.39 -11.25
N ASP A 192 -29.58 -1.97 -10.73
CA ASP A 192 -28.24 -1.73 -11.27
C ASP A 192 -28.04 -2.41 -12.64
N TRP A 193 -28.58 -3.62 -12.78
CA TRP A 193 -28.48 -4.32 -14.06
C TRP A 193 -29.33 -3.67 -15.15
N TRP A 194 -30.50 -3.16 -14.77
CA TRP A 194 -31.29 -2.37 -15.70
C TRP A 194 -30.46 -1.20 -16.19
N ALA A 195 -29.83 -0.51 -15.25
CA ALA A 195 -29.04 0.67 -15.60
C ALA A 195 -27.88 0.30 -16.52
N LEU A 196 -27.31 -0.89 -16.34
CA LEU A 196 -26.23 -1.34 -17.21
C LEU A 196 -26.74 -1.62 -18.62
N GLY A 197 -27.97 -2.13 -18.72
CA GLY A 197 -28.65 -2.30 -20.00
C GLY A 197 -28.76 -0.96 -20.77
N VAL A 198 -29.21 0.09 -20.06
CA VAL A 198 -29.37 1.42 -20.67
C VAL A 198 -28.04 1.93 -21.12
N LEU A 199 -27.04 1.76 -20.26
CA LEU A 199 -25.71 2.22 -20.56
C LEU A 199 -25.09 1.53 -21.79
N MET A 200 -25.25 0.21 -21.86
CA MET A 200 -24.77 -0.61 -22.98
C MET A 200 -25.44 -0.24 -24.28
N PHE A 201 -26.75 -0.07 -24.22
CA PHE A 201 -27.52 0.48 -25.33
C PHE A 201 -26.95 1.82 -25.80
N GLU A 202 -26.67 2.71 -24.85
CA GLU A 202 -26.04 3.97 -25.19
C GLU A 202 -24.69 3.80 -25.85
N MET A 203 -23.86 2.87 -25.35
CA MET A 203 -22.54 2.68 -25.93
C MET A 203 -22.61 2.15 -27.36
N MET A 204 -23.53 1.24 -27.61
CA MET A 204 -23.57 0.55 -28.90
C MET A 204 -24.48 1.24 -29.93
N ALA A 205 -25.57 1.83 -29.46
CA ALA A 205 -26.45 2.63 -30.31
C ALA A 205 -26.09 4.13 -30.40
N GLY A 206 -25.51 4.68 -29.34
CA GLY A 206 -25.09 6.07 -29.35
C GLY A 206 -26.20 7.05 -29.02
N ARG A 207 -27.31 6.52 -28.54
CA ARG A 207 -28.41 7.34 -28.08
C ARG A 207 -29.07 6.60 -26.94
N SER A 208 -29.77 7.32 -26.07
CA SER A 208 -30.60 6.66 -25.09
C SER A 208 -31.62 5.80 -25.80
N PRO A 209 -32.01 4.69 -25.18
CA PRO A 209 -33.09 3.87 -25.70
C PRO A 209 -34.45 4.55 -25.49
N PHE A 210 -34.43 5.69 -24.81
CA PHE A 210 -35.64 6.46 -24.54
C PHE A 210 -35.56 7.83 -25.20
N ASP A 211 -34.48 8.03 -25.96
CA ASP A 211 -34.38 9.03 -27.02
C ASP A 211 -33.84 10.40 -26.64
N THR A 223 -41.03 17.14 -19.40
CA THR A 223 -41.45 15.90 -20.05
C THR A 223 -41.04 14.69 -19.20
N GLU A 224 -40.17 14.93 -18.22
CA GLU A 224 -39.71 13.87 -17.33
C GLU A 224 -40.83 12.90 -16.94
N ASP A 225 -42.03 13.44 -16.77
CA ASP A 225 -43.22 12.63 -16.57
C ASP A 225 -43.41 11.63 -17.71
N TYR A 226 -43.22 12.14 -18.94
CA TYR A 226 -43.37 11.31 -20.14
C TYR A 226 -42.28 10.24 -20.24
N LEU A 227 -41.02 10.68 -20.16
CA LEU A 227 -39.88 9.77 -20.06
C LEU A 227 -40.20 8.58 -19.17
N PHE A 228 -40.76 8.85 -17.98
CA PHE A 228 -41.15 7.75 -17.12
C PHE A 228 -42.26 6.89 -17.74
N GLN A 229 -43.10 7.52 -18.55
CA GLN A 229 -44.11 6.78 -19.30
C GLN A 229 -43.47 5.94 -20.40
N VAL A 230 -42.51 6.52 -21.10
CA VAL A 230 -41.76 5.75 -22.10
C VAL A 230 -41.14 4.50 -21.46
N ILE A 231 -40.38 4.68 -20.39
CA ILE A 231 -39.68 3.59 -19.75
C ILE A 231 -40.67 2.49 -19.37
N LEU A 232 -41.82 2.88 -18.83
CA LEU A 232 -42.79 1.92 -18.34
C LEU A 232 -43.51 1.12 -19.42
N GLU A 233 -43.89 1.78 -20.51
CA GLU A 233 -44.95 1.24 -21.37
C GLU A 233 -44.61 1.01 -22.85
N LYS A 234 -43.47 1.51 -23.29
CA LYS A 234 -43.12 1.41 -24.69
C LYS A 234 -42.07 0.33 -24.95
N GLN A 235 -42.18 -0.38 -26.06
CA GLN A 235 -41.18 -1.36 -26.44
C GLN A 235 -39.87 -0.67 -26.84
N ILE A 236 -38.75 -1.28 -26.45
CA ILE A 236 -37.46 -0.75 -26.85
C ILE A 236 -37.10 -1.20 -28.26
N ARG A 237 -36.78 -0.24 -29.12
CA ARG A 237 -36.39 -0.52 -30.48
C ARG A 237 -34.90 -0.78 -30.53
N ILE A 238 -34.53 -2.02 -30.79
CA ILE A 238 -33.14 -2.35 -31.10
C ILE A 238 -32.71 -1.87 -32.50
N PRO A 239 -31.62 -1.10 -32.57
CA PRO A 239 -31.13 -0.66 -33.88
C PRO A 239 -30.69 -1.83 -34.75
N ARG A 240 -31.08 -1.79 -36.02
CA ARG A 240 -30.99 -2.94 -36.92
C ARG A 240 -29.56 -3.39 -37.19
N SER A 241 -28.61 -2.48 -37.06
CA SER A 241 -27.21 -2.77 -37.38
C SER A 241 -26.48 -3.55 -36.29
N LEU A 242 -27.13 -3.75 -35.14
CA LEU A 242 -26.49 -4.49 -34.04
C LEU A 242 -26.53 -6.00 -34.22
N SER A 243 -25.44 -6.67 -33.87
CA SER A 243 -25.37 -8.13 -33.91
C SER A 243 -26.50 -8.79 -33.12
N VAL A 244 -26.78 -10.05 -33.44
CA VAL A 244 -27.79 -10.82 -32.72
C VAL A 244 -27.50 -10.93 -31.21
N LYS A 245 -26.23 -11.12 -30.88
CA LYS A 245 -25.78 -11.21 -29.51
C LYS A 245 -25.95 -9.88 -28.77
N ALA A 246 -25.71 -8.77 -29.48
CA ALA A 246 -25.88 -7.43 -28.92
C ALA A 246 -27.34 -7.16 -28.61
N ALA A 247 -28.20 -7.43 -29.59
CA ALA A 247 -29.62 -7.43 -29.38
C ALA A 247 -30.05 -8.31 -28.20
N SER A 248 -29.58 -9.55 -28.17
CA SER A 248 -29.98 -10.48 -27.11
C SER A 248 -29.68 -9.91 -25.72
N VAL A 249 -28.46 -9.41 -25.53
CA VAL A 249 -28.05 -8.99 -24.19
C VAL A 249 -28.76 -7.69 -23.78
N LEU A 250 -28.98 -6.79 -24.73
CA LEU A 250 -29.72 -5.58 -24.46
C LEU A 250 -31.14 -5.93 -24.05
N LYS A 251 -31.74 -6.91 -24.72
CA LYS A 251 -33.12 -7.30 -24.44
C LYS A 251 -33.23 -7.97 -23.09
N SER A 252 -32.21 -8.73 -22.74
CA SER A 252 -32.18 -9.43 -21.46
C SER A 252 -32.02 -8.49 -20.24
N PHE A 253 -31.15 -7.48 -20.35
CA PHE A 253 -30.90 -6.56 -19.24
C PHE A 253 -32.03 -5.52 -19.18
N LEU A 254 -32.63 -5.26 -20.34
CA LEU A 254 -33.67 -4.23 -20.39
C LEU A 254 -35.04 -4.86 -20.36
N ASN A 255 -35.14 -6.03 -19.75
CA ASN A 255 -36.45 -6.61 -19.40
C ASN A 255 -37.12 -5.76 -18.32
N LYS A 256 -38.40 -5.43 -18.52
CA LYS A 256 -39.14 -4.58 -17.60
C LYS A 256 -39.47 -5.33 -16.33
N ASP A 257 -39.46 -6.66 -16.39
CA ASP A 257 -39.65 -7.49 -15.22
C ASP A 257 -38.34 -7.78 -14.50
N PRO A 258 -38.18 -7.26 -13.27
CA PRO A 258 -36.94 -7.53 -12.56
C PRO A 258 -36.70 -9.03 -12.43
N LYS A 259 -37.74 -9.78 -12.10
CA LYS A 259 -37.56 -11.21 -11.85
C LYS A 259 -36.94 -11.91 -13.05
N GLU A 260 -37.23 -11.39 -14.25
CA GLU A 260 -36.87 -12.05 -15.49
C GLU A 260 -35.58 -11.48 -16.07
N ARG A 261 -35.06 -10.43 -15.42
CA ARG A 261 -33.94 -9.67 -15.97
C ARG A 261 -32.61 -10.41 -15.86
N LEU A 262 -31.78 -10.32 -16.90
CA LEU A 262 -30.41 -10.85 -16.81
C LEU A 262 -29.74 -10.30 -15.56
N GLY A 263 -28.98 -11.15 -14.86
CA GLY A 263 -28.27 -10.74 -13.66
C GLY A 263 -29.11 -10.70 -12.38
N CYS A 264 -30.41 -10.92 -12.51
CA CYS A 264 -31.32 -10.68 -11.40
C CYS A 264 -31.83 -11.94 -10.73
N HIS A 265 -31.50 -13.08 -11.29
CA HIS A 265 -31.90 -14.35 -10.71
C HIS A 265 -31.15 -14.56 -9.40
N PRO A 266 -31.90 -14.66 -8.28
CA PRO A 266 -31.47 -14.69 -6.87
C PRO A 266 -30.11 -15.33 -6.58
N GLN A 267 -29.80 -16.48 -7.16
CA GLN A 267 -28.57 -17.20 -6.79
C GLN A 267 -27.52 -17.23 -7.88
N THR A 268 -27.95 -17.08 -9.13
CA THR A 268 -27.05 -17.27 -10.26
C THR A 268 -26.93 -16.00 -11.08
N GLY A 269 -27.50 -14.91 -10.57
CA GLY A 269 -27.41 -13.61 -11.26
C GLY A 269 -26.12 -13.42 -12.04
N PHE A 270 -25.00 -13.34 -11.34
CA PHE A 270 -23.76 -12.99 -11.99
C PHE A 270 -23.32 -14.09 -12.96
N ALA A 271 -23.49 -15.34 -12.54
CA ALA A 271 -23.23 -16.50 -13.39
C ALA A 271 -23.87 -16.39 -14.78
N ASP A 272 -25.15 -15.99 -14.81
CA ASP A 272 -25.89 -15.84 -16.07
C ASP A 272 -25.26 -14.78 -16.98
N ILE A 273 -24.91 -13.65 -16.39
CA ILE A 273 -24.25 -12.59 -17.13
C ILE A 273 -23.03 -13.17 -17.83
N GLN A 274 -22.13 -13.77 -17.05
CA GLN A 274 -20.93 -14.40 -17.62
C GLN A 274 -21.24 -15.44 -18.69
N GLY A 275 -22.31 -16.18 -18.47
CA GLY A 275 -22.71 -17.23 -19.41
C GLY A 275 -23.44 -16.72 -20.64
N HIS A 276 -23.79 -15.44 -20.65
CA HIS A 276 -24.47 -14.87 -21.80
C HIS A 276 -23.56 -14.82 -23.02
N PRO A 277 -24.07 -15.23 -24.18
CA PRO A 277 -23.32 -15.33 -25.42
C PRO A 277 -22.59 -14.05 -25.76
N PHE A 278 -23.17 -12.92 -25.42
CA PHE A 278 -22.54 -11.64 -25.74
C PHE A 278 -21.18 -11.59 -25.09
N PHE A 279 -21.01 -12.34 -24.00
CA PHE A 279 -19.83 -12.23 -23.19
C PHE A 279 -18.87 -13.41 -23.39
N ARG A 280 -19.22 -14.30 -24.30
CA ARG A 280 -18.53 -15.58 -24.43
C ARG A 280 -17.02 -15.41 -24.59
N ASN A 281 -16.61 -14.30 -25.21
CA ASN A 281 -15.19 -14.05 -25.42
C ASN A 281 -14.41 -13.62 -24.19
N VAL A 282 -15.11 -13.15 -23.16
CA VAL A 282 -14.45 -12.57 -22.00
C VAL A 282 -13.85 -13.61 -21.05
N ASP A 283 -12.55 -13.47 -20.80
CA ASP A 283 -11.92 -14.19 -19.70
C ASP A 283 -12.03 -13.36 -18.42
N TRP A 284 -12.94 -13.77 -17.55
CA TRP A 284 -13.34 -12.96 -16.42
C TRP A 284 -12.22 -12.80 -15.38
N ASP A 285 -11.47 -13.86 -15.16
CA ASP A 285 -10.36 -13.82 -14.20
C ASP A 285 -9.24 -12.92 -14.67
N MET A 286 -8.98 -12.94 -15.98
CA MET A 286 -8.01 -12.04 -16.59
C MET A 286 -8.48 -10.58 -16.52
N MET A 287 -9.78 -10.37 -16.75
CA MET A 287 -10.38 -9.05 -16.68
C MET A 287 -10.27 -8.51 -15.26
N GLU A 288 -10.72 -9.30 -14.29
CA GLU A 288 -10.67 -8.90 -12.89
C GLU A 288 -9.26 -8.57 -12.44
N GLN A 289 -8.27 -9.15 -13.10
CA GLN A 289 -6.88 -8.95 -12.72
C GLN A 289 -6.27 -7.81 -13.50
N LYS A 290 -7.05 -7.25 -14.42
CA LYS A 290 -6.56 -6.15 -15.27
C LYS A 290 -5.53 -6.64 -16.27
N GLN A 291 -5.71 -7.84 -16.77
CA GLN A 291 -4.76 -8.34 -17.76
C GLN A 291 -5.30 -8.32 -19.19
N VAL A 292 -6.53 -7.83 -19.37
CA VAL A 292 -7.05 -7.54 -20.72
C VAL A 292 -6.64 -6.12 -21.15
N VAL A 293 -5.99 -6.02 -22.30
CA VAL A 293 -5.58 -4.75 -22.87
C VAL A 293 -6.83 -3.94 -23.26
N PRO A 294 -7.03 -2.77 -22.64
CA PRO A 294 -8.20 -1.96 -22.98
C PRO A 294 -8.21 -1.60 -24.47
N PRO A 295 -9.41 -1.46 -25.05
CA PRO A 295 -9.52 -1.13 -26.46
C PRO A 295 -9.11 0.31 -26.76
N PHE A 296 -9.03 1.14 -25.73
CA PHE A 296 -8.78 2.54 -25.93
C PHE A 296 -7.82 3.06 -24.85
N LYS A 297 -6.80 3.77 -25.30
CA LYS A 297 -5.83 4.36 -24.39
C LYS A 297 -6.16 5.84 -24.27
N PRO A 298 -6.55 6.28 -23.06
CA PRO A 298 -6.76 7.70 -22.75
C PRO A 298 -5.53 8.55 -23.01
N ASN A 299 -5.72 9.66 -23.72
CA ASN A 299 -4.67 10.66 -23.88
C ASN A 299 -4.46 11.47 -22.61
N ILE A 300 -3.24 11.45 -22.07
CA ILE A 300 -2.91 12.15 -20.83
C ILE A 300 -2.07 13.38 -21.10
N SER A 301 -2.73 14.48 -21.45
CA SER A 301 -2.05 15.76 -21.72
C SER A 301 -2.15 16.66 -20.50
N GLY A 302 -1.30 17.68 -20.45
CA GLY A 302 -1.26 18.60 -19.33
C GLY A 302 -0.53 17.98 -18.16
N GLU A 303 -0.15 18.81 -17.19
CA GLU A 303 0.36 18.30 -15.93
C GLU A 303 -0.66 17.31 -15.40
N PHE A 304 -0.17 16.17 -14.90
CA PHE A 304 -1.00 15.19 -14.21
C PHE A 304 -2.26 14.90 -14.97
N GLY A 305 -2.22 15.14 -16.27
CA GLY A 305 -3.40 14.99 -17.11
C GLY A 305 -4.55 15.92 -16.78
N LEU A 306 -4.25 17.12 -16.31
CA LEU A 306 -5.31 18.05 -15.94
C LEU A 306 -6.25 18.36 -17.10
N ASP A 307 -5.77 18.15 -18.33
CA ASP A 307 -6.56 18.51 -19.50
C ASP A 307 -7.78 17.65 -19.68
N ASN A 308 -7.86 16.53 -18.93
CA ASN A 308 -9.07 15.72 -18.99
C ASN A 308 -10.19 16.25 -18.09
N PHE A 309 -9.89 17.32 -17.37
CA PHE A 309 -10.89 18.00 -16.54
C PHE A 309 -11.25 19.38 -17.08
N ASP A 310 -12.53 19.71 -17.01
CA ASP A 310 -13.06 21.04 -17.32
C ASP A 310 -12.15 22.16 -16.86
N SER A 311 -11.99 23.18 -17.71
CA SER A 311 -11.11 24.31 -17.42
C SER A 311 -11.77 25.30 -16.47
N GLN A 312 -13.09 25.29 -16.42
CA GLN A 312 -13.75 26.09 -15.42
C GLN A 312 -13.33 25.65 -14.02
N PHE A 313 -12.95 24.38 -13.87
CA PHE A 313 -12.45 23.91 -12.58
C PHE A 313 -10.93 24.13 -12.47
N THR A 314 -10.19 23.69 -13.49
CA THR A 314 -8.74 23.79 -13.47
C THR A 314 -8.21 25.21 -13.52
N ASN A 315 -9.04 26.15 -13.93
CA ASN A 315 -8.65 27.55 -13.86
C ASN A 315 -9.00 28.20 -12.53
N GLU A 316 -9.72 27.47 -11.67
CA GLU A 316 -10.01 28.02 -10.32
C GLU A 316 -8.71 28.20 -9.55
N PRO A 317 -8.69 29.15 -8.58
CA PRO A 317 -7.57 29.29 -7.67
C PRO A 317 -7.45 28.09 -6.72
N VAL A 318 -6.23 27.57 -6.58
CA VAL A 318 -6.02 26.38 -5.79
C VAL A 318 -6.08 26.70 -4.31
N GLN A 319 -7.29 26.76 -3.76
CA GLN A 319 -7.46 27.10 -2.35
C GLN A 319 -8.79 26.58 -1.83
N LEU A 320 -8.94 26.60 -0.50
CA LEU A 320 -10.23 26.44 0.16
C LEU A 320 -10.77 27.82 0.48
N TPO A 321 -12.07 27.99 0.27
CA TPO A 321 -12.74 29.24 0.56
CB TPO A 321 -14.18 29.07 0.08
CG2 TPO A 321 -15.05 30.32 0.28
OG1 TPO A 321 -14.16 28.66 -1.29
P TPO A 321 -14.66 27.19 -1.73
O1P TPO A 321 -16.11 27.17 -1.32
O2P TPO A 321 -13.79 26.24 -0.91
O3P TPO A 321 -14.45 27.07 -3.20
C TPO A 321 -12.65 29.54 2.03
O TPO A 321 -12.87 28.65 2.87
N PRO A 322 -12.26 30.77 2.38
CA PRO A 322 -12.17 31.19 3.78
C PRO A 322 -13.45 30.89 4.55
N ASP A 323 -13.30 30.36 5.76
CA ASP A 323 -14.43 30.10 6.65
C ASP A 323 -15.21 31.35 7.00
N ASP A 324 -16.47 31.15 7.38
CA ASP A 324 -17.34 32.21 7.83
C ASP A 324 -17.89 31.86 9.23
N ASP A 325 -17.43 32.59 10.24
CA ASP A 325 -17.77 32.28 11.64
C ASP A 325 -19.27 32.17 11.91
N ASP A 326 -20.07 33.02 11.28
CA ASP A 326 -21.53 32.94 11.46
C ASP A 326 -22.09 31.56 11.15
N ILE A 327 -21.45 30.86 10.22
CA ILE A 327 -21.85 29.52 9.89
C ILE A 327 -21.09 28.49 10.75
N VAL A 328 -19.77 28.65 10.79
CA VAL A 328 -18.87 27.66 11.39
C VAL A 328 -19.12 27.48 12.89
N ARG A 329 -19.63 28.51 13.56
CA ARG A 329 -19.87 28.44 14.99
C ARG A 329 -21.15 27.66 15.33
N LYS A 330 -21.96 27.37 14.33
CA LYS A 330 -23.24 26.69 14.59
C LYS A 330 -23.17 25.19 14.33
N ILE A 331 -21.98 24.73 13.92
CA ILE A 331 -21.78 23.33 13.55
C ILE A 331 -21.59 22.51 14.81
N ASP A 332 -22.35 21.43 14.89
CA ASP A 332 -22.29 20.49 15.98
C ASP A 332 -21.16 19.49 15.72
N GLN A 333 -19.99 19.77 16.28
CA GLN A 333 -18.79 19.00 15.96
C GLN A 333 -18.84 17.54 16.42
N SER A 334 -19.68 17.27 17.41
CA SER A 334 -19.86 15.92 17.92
C SER A 334 -20.38 14.97 16.85
N GLU A 335 -21.07 15.53 15.87
CA GLU A 335 -21.58 14.76 14.74
C GLU A 335 -20.48 14.09 13.92
N PHE A 336 -19.26 14.62 13.97
CA PHE A 336 -18.16 14.11 13.17
C PHE A 336 -17.02 13.46 13.97
N GLU A 337 -17.31 13.12 15.24
CA GLU A 337 -16.32 12.36 16.03
C GLU A 337 -16.05 11.03 15.36
N GLY A 338 -14.79 10.70 15.18
CA GLY A 338 -14.42 9.40 14.61
C GLY A 338 -14.36 9.40 13.09
N PHE A 339 -14.44 10.56 12.46
CA PHE A 339 -14.40 10.63 11.00
C PHE A 339 -13.08 10.11 10.44
N GLU A 340 -11.99 10.42 11.13
CA GLU A 340 -10.63 10.11 10.71
C GLU A 340 -10.42 8.65 10.34
N TYR A 341 -9.66 8.44 9.27
CA TYR A 341 -9.45 7.10 8.72
C TYR A 341 -8.17 7.09 7.92
N ILE A 342 -7.44 6.00 8.01
CA ILE A 342 -6.32 5.77 7.12
C ILE A 342 -6.40 4.34 6.66
N ASN A 343 -6.30 4.10 5.35
CA ASN A 343 -6.46 2.75 4.85
C ASN A 343 -5.40 1.81 5.45
N PRO A 344 -5.70 0.50 5.51
CA PRO A 344 -4.81 -0.40 6.23
C PRO A 344 -3.86 -1.17 5.33
N LEU A 345 -3.60 -0.68 4.11
CA LEU A 345 -2.71 -1.42 3.21
C LEU A 345 -1.23 -1.12 3.46
N MET B 3 -14.33 0.71 11.20
CA MET B 3 -13.29 1.54 10.51
C MET B 3 -12.42 2.34 11.49
N ASP B 4 -12.30 1.86 12.73
CA ASP B 4 -11.38 2.50 13.69
C ASP B 4 -9.96 1.98 13.52
N PRO B 5 -8.98 2.58 14.22
CA PRO B 5 -7.57 2.27 13.94
C PRO B 5 -7.17 0.82 14.28
N LEU B 6 -6.11 0.35 13.63
CA LEU B 6 -5.60 -1.01 13.85
C LEU B 6 -5.22 -1.36 15.29
N GLY B 7 -5.66 -2.54 15.74
CA GLY B 7 -5.26 -3.12 17.01
C GLY B 7 -5.13 -4.64 16.90
N LEU B 8 -4.77 -5.29 18.00
CA LEU B 8 -4.47 -6.72 17.97
C LEU B 8 -5.58 -7.53 17.33
N GLN B 9 -6.80 -7.13 17.62
CA GLN B 9 -7.97 -7.88 17.18
C GLN B 9 -8.12 -7.88 15.66
N ASP B 10 -7.41 -6.98 14.98
CA ASP B 10 -7.46 -6.92 13.52
C ASP B 10 -6.57 -7.95 12.82
N PHE B 11 -5.87 -8.74 13.61
CA PHE B 11 -4.85 -9.65 13.07
C PHE B 11 -5.14 -11.08 13.51
N ASP B 12 -5.00 -12.05 12.61
CA ASP B 12 -4.77 -13.44 13.01
C ASP B 12 -3.28 -13.69 13.31
N LEU B 13 -3.02 -14.34 14.45
CA LEU B 13 -1.70 -14.85 14.74
C LEU B 13 -1.50 -16.17 14.02
N LEU B 14 -0.37 -16.32 13.34
CA LEU B 14 -0.20 -17.50 12.50
C LEU B 14 0.88 -18.43 13.03
N ARG B 15 2.01 -17.88 13.45
CA ARG B 15 3.12 -18.68 13.94
C ARG B 15 4.07 -17.79 14.75
N VAL B 16 4.78 -18.38 15.70
CA VAL B 16 5.93 -17.71 16.29
C VAL B 16 7.12 -18.05 15.40
N ILE B 17 7.90 -17.02 15.02
CA ILE B 17 9.01 -17.19 14.10
C ILE B 17 10.38 -16.78 14.67
N GLY B 18 10.40 -16.08 15.79
CA GLY B 18 11.66 -15.56 16.30
C GLY B 18 11.59 -14.92 17.66
N ARG B 19 12.75 -14.81 18.31
CA ARG B 19 12.91 -14.13 19.59
C ARG B 19 14.27 -13.47 19.67
N GLY B 20 14.32 -12.26 20.22
CA GLY B 20 15.58 -11.63 20.62
C GLY B 20 15.47 -11.19 22.07
N SER B 21 16.30 -10.25 22.49
CA SER B 21 16.25 -9.79 23.89
C SER B 21 14.88 -9.25 24.20
N TYR B 22 14.44 -8.33 23.35
CA TYR B 22 13.23 -7.55 23.56
C TYR B 22 11.97 -8.23 23.00
N ALA B 23 12.08 -8.79 21.79
CA ALA B 23 10.89 -9.13 20.99
C ALA B 23 10.56 -10.62 20.87
N LYS B 24 9.27 -10.92 20.89
CA LYS B 24 8.78 -12.18 20.38
C LYS B 24 8.25 -11.81 18.99
N VAL B 25 8.64 -12.57 17.98
CA VAL B 25 8.25 -12.22 16.64
C VAL B 25 7.30 -13.24 16.07
N LEU B 26 6.17 -12.76 15.61
CA LEU B 26 5.15 -13.63 15.04
C LEU B 26 4.95 -13.35 13.57
N LEU B 27 4.46 -14.35 12.86
CA LEU B 27 3.89 -14.18 11.55
C LEU B 27 2.41 -13.95 11.79
N VAL B 28 1.83 -12.89 11.21
CA VAL B 28 0.41 -12.56 11.42
C VAL B 28 -0.23 -12.25 10.08
N ARG B 29 -1.56 -12.29 10.02
CA ARG B 29 -2.30 -11.80 8.87
C ARG B 29 -3.29 -10.71 9.25
N LEU B 30 -3.26 -9.59 8.53
CA LEU B 30 -4.28 -8.55 8.65
C LEU B 30 -5.61 -9.05 8.09
N LYS B 31 -6.58 -9.30 8.98
CA LYS B 31 -7.79 -10.07 8.62
C LYS B 31 -8.57 -9.49 7.46
N LYS B 32 -8.66 -8.17 7.42
CA LYS B 32 -9.53 -7.51 6.46
C LYS B 32 -8.87 -7.33 5.09
N THR B 33 -7.57 -7.61 4.98
CA THR B 33 -6.86 -7.49 3.70
C THR B 33 -6.26 -8.81 3.26
N ASP B 34 -6.16 -9.75 4.19
CA ASP B 34 -5.49 -11.02 3.92
C ASP B 34 -3.97 -10.91 3.67
N ARG B 35 -3.39 -9.74 3.91
CA ARG B 35 -1.95 -9.60 3.80
C ARG B 35 -1.20 -10.10 5.06
N ILE B 36 -0.03 -10.68 4.86
CA ILE B 36 0.77 -11.19 5.95
C ILE B 36 1.94 -10.25 6.28
N TYR B 37 2.37 -10.29 7.54
CA TYR B 37 3.41 -9.41 8.08
C TYR B 37 4.12 -10.14 9.21
N ALA B 38 5.32 -9.68 9.58
CA ALA B 38 5.91 -10.07 10.85
C ALA B 38 5.41 -9.08 11.89
N MET B 39 5.36 -9.50 13.14
CA MET B 39 4.95 -8.63 14.20
C MET B 39 5.90 -8.79 15.35
N LYS B 40 6.61 -7.71 15.67
CA LYS B 40 7.42 -7.67 16.86
C LYS B 40 6.61 -7.23 18.05
N VAL B 41 6.54 -8.10 19.04
CA VAL B 41 5.79 -7.86 20.29
C VAL B 41 6.79 -7.63 21.44
N VAL B 42 6.77 -6.45 22.03
CA VAL B 42 7.66 -6.12 23.13
C VAL B 42 6.85 -5.74 24.37
N LYS B 43 7.03 -6.50 25.45
CA LYS B 43 6.36 -6.24 26.72
C LYS B 43 6.79 -4.90 27.30
N LYS B 44 5.80 -4.07 27.64
CA LYS B 44 6.10 -2.70 28.07
C LYS B 44 7.01 -2.62 29.31
N GLU B 45 7.03 -3.66 30.13
CA GLU B 45 7.86 -3.63 31.33
C GLU B 45 9.36 -3.53 31.01
N LEU B 46 9.74 -4.06 29.85
CA LEU B 46 11.14 -4.09 29.44
C LEU B 46 11.58 -2.71 29.00
N VAL B 47 10.63 -1.81 28.78
CA VAL B 47 10.92 -0.57 28.09
C VAL B 47 10.23 0.65 28.73
N ASN B 48 9.98 0.58 30.03
CA ASN B 48 9.16 1.61 30.68
C ASN B 48 9.91 2.72 31.41
N ASP B 49 11.02 2.36 32.05
CA ASP B 49 11.63 3.24 33.06
C ASP B 49 12.63 4.28 32.53
N ASP B 50 12.52 5.50 33.05
CA ASP B 50 13.29 6.67 32.57
C ASP B 50 13.86 6.50 31.18
N GLU B 51 15.11 6.04 31.16
CA GLU B 51 15.94 5.97 29.95
C GLU B 51 15.41 4.97 28.95
N ASP B 52 14.60 4.03 29.45
CA ASP B 52 14.24 2.84 28.71
C ASP B 52 13.36 3.16 27.50
N ILE B 53 12.76 4.35 27.49
CA ILE B 53 11.89 4.71 26.38
C ILE B 53 12.60 5.20 25.14
N ASP B 54 13.88 5.53 25.26
CA ASP B 54 14.67 5.96 24.12
C ASP B 54 14.77 4.83 23.09
N TRP B 55 14.78 3.61 23.59
CA TRP B 55 14.67 2.42 22.76
C TRP B 55 13.43 2.45 21.87
N VAL B 56 12.28 2.76 22.46
CA VAL B 56 11.02 2.74 21.72
C VAL B 56 11.13 3.66 20.51
N GLN B 57 11.59 4.88 20.78
CA GLN B 57 11.57 5.95 19.79
C GLN B 57 12.57 5.68 18.67
N THR B 58 13.69 5.06 19.00
CA THR B 58 14.68 4.72 17.98
C THR B 58 14.13 3.67 17.02
N GLU B 59 13.60 2.57 17.56
CA GLU B 59 12.99 1.52 16.76
C GLU B 59 12.00 2.11 15.79
N LYS B 60 11.03 2.82 16.35
CA LYS B 60 9.95 3.36 15.56
C LYS B 60 10.45 4.36 14.54
N HIS B 61 11.33 5.25 14.96
CA HIS B 61 11.91 6.25 14.06
C HIS B 61 12.64 5.59 12.89
N VAL B 62 13.45 4.58 13.20
CA VAL B 62 14.25 3.96 12.15
C VAL B 62 13.38 3.14 11.22
N PHE B 63 12.49 2.32 11.80
CA PHE B 63 11.50 1.58 11.02
C PHE B 63 10.78 2.50 10.08
N GLU B 64 10.41 3.68 10.57
CA GLU B 64 9.72 4.68 9.74
C GLU B 64 10.54 5.08 8.53
N GLN B 65 11.74 5.59 8.76
CA GLN B 65 12.55 6.09 7.66
C GLN B 65 12.98 4.94 6.76
N ALA B 66 12.82 3.71 7.27
CA ALA B 66 13.29 2.52 6.59
C ALA B 66 12.34 2.05 5.51
N SER B 67 11.13 2.59 5.49
CA SER B 67 10.03 1.93 4.78
C SER B 67 9.99 2.19 3.27
N ASN B 68 9.14 1.42 2.61
CA ASN B 68 9.24 1.03 1.19
C ASN B 68 10.58 0.91 0.43
N HIS B 69 11.71 1.16 1.09
CA HIS B 69 13.01 0.88 0.46
C HIS B 69 13.19 -0.64 0.28
N PRO B 70 13.80 -1.06 -0.83
CA PRO B 70 13.78 -2.47 -1.13
C PRO B 70 14.64 -3.33 -0.19
N PHE B 71 15.64 -2.74 0.48
CA PHE B 71 16.62 -3.53 1.24
C PHE B 71 16.65 -3.18 2.75
N LEU B 72 15.59 -2.56 3.23
CA LEU B 72 15.44 -2.34 4.65
C LEU B 72 14.05 -2.80 5.03
N VAL B 73 13.90 -3.30 6.25
CA VAL B 73 12.60 -3.83 6.68
C VAL B 73 11.71 -2.63 7.02
N GLY B 74 10.56 -2.52 6.35
CA GLY B 74 9.66 -1.37 6.52
C GLY B 74 8.54 -1.59 7.54
N LEU B 75 7.94 -0.48 7.99
CA LEU B 75 6.95 -0.47 9.07
C LEU B 75 5.56 -0.38 8.47
N HIS B 76 4.70 -1.35 8.75
CA HIS B 76 3.29 -1.22 8.34
C HIS B 76 2.48 -0.42 9.36
N SER B 77 2.70 -0.67 10.65
CA SER B 77 1.84 -0.08 11.69
C SER B 77 2.33 -0.41 13.08
N CYS B 78 1.94 0.42 14.04
CA CYS B 78 2.25 0.24 15.45
C CYS B 78 0.96 0.32 16.27
N PHE B 79 0.88 -0.46 17.33
CA PHE B 79 -0.20 -0.31 18.31
C PHE B 79 0.23 -0.96 19.59
N GLN B 80 -0.64 -0.83 20.60
CA GLN B 80 -0.33 -1.30 21.95
C GLN B 80 -1.58 -1.89 22.60
N THR B 81 -1.34 -2.77 23.55
CA THR B 81 -2.36 -3.22 24.46
C THR B 81 -1.91 -2.76 25.84
N GLU B 82 -2.60 -3.17 26.89
CA GLU B 82 -2.16 -2.72 28.21
C GLU B 82 -0.73 -3.17 28.60
N SER B 83 -0.38 -4.43 28.29
CA SER B 83 0.96 -4.94 28.61
C SER B 83 2.03 -4.85 27.50
N ARG B 84 1.64 -4.59 26.25
CA ARG B 84 2.56 -4.82 25.13
C ARG B 84 2.61 -3.75 24.05
N LEU B 85 3.75 -3.70 23.37
CA LEU B 85 3.92 -2.90 22.15
C LEU B 85 4.08 -3.81 20.95
N PHE B 86 3.47 -3.41 19.83
CA PHE B 86 3.43 -4.20 18.61
C PHE B 86 3.91 -3.37 17.44
N PHE B 87 4.91 -3.90 16.73
CA PHE B 87 5.42 -3.31 15.51
C PHE B 87 5.10 -4.31 14.38
N VAL B 88 4.23 -3.90 13.46
CA VAL B 88 3.80 -4.76 12.37
C VAL B 88 4.64 -4.35 11.16
N ILE B 89 5.42 -5.31 10.64
CA ILE B 89 6.51 -5.00 9.71
C ILE B 89 6.52 -5.98 8.55
N GLU B 90 7.31 -5.67 7.52
CA GLU B 90 7.49 -6.59 6.40
C GLU B 90 7.96 -7.97 6.86
N TYR B 91 7.26 -9.01 6.42
CA TYR B 91 7.64 -10.38 6.66
C TYR B 91 8.74 -10.82 5.69
N VAL B 92 9.93 -11.15 6.22
CA VAL B 92 11.04 -11.52 5.35
C VAL B 92 11.40 -12.97 5.65
N ASN B 93 11.17 -13.86 4.69
CA ASN B 93 11.19 -15.29 4.98
C ASN B 93 12.15 -16.11 4.12
N GLY B 94 13.13 -15.46 3.51
CA GLY B 94 14.16 -16.20 2.77
C GLY B 94 15.31 -16.68 3.64
N GLY B 95 15.21 -16.48 4.95
CA GLY B 95 16.29 -16.86 5.87
C GLY B 95 17.25 -15.69 6.08
N ASP B 96 18.51 -15.98 6.34
CA ASP B 96 19.48 -14.96 6.74
C ASP B 96 20.89 -15.36 6.28
N LEU B 97 21.83 -14.43 6.26
CA LEU B 97 23.16 -14.74 5.76
C LEU B 97 23.94 -15.68 6.67
N MET B 98 23.57 -15.73 7.95
CA MET B 98 24.20 -16.65 8.87
C MET B 98 23.90 -18.08 8.46
N PHE B 99 22.62 -18.42 8.32
CA PHE B 99 22.21 -19.73 7.85
C PHE B 99 22.79 -20.03 6.47
N HIS B 100 22.71 -19.04 5.58
CA HIS B 100 23.26 -19.20 4.24
C HIS B 100 24.75 -19.59 4.26
N MET B 101 25.52 -18.93 5.11
CA MET B 101 26.95 -19.20 5.20
C MET B 101 27.18 -20.58 5.80
N GLN B 102 26.39 -20.94 6.80
CA GLN B 102 26.53 -22.24 7.45
C GLN B 102 26.39 -23.37 6.42
N ARG B 103 25.56 -23.16 5.41
CA ARG B 103 25.31 -24.16 4.38
C ARG B 103 26.27 -24.09 3.19
N GLN B 104 26.47 -22.89 2.65
CA GLN B 104 27.34 -22.69 1.51
C GLN B 104 28.81 -22.69 1.89
N ARG B 105 29.10 -22.39 3.15
CA ARG B 105 30.47 -22.51 3.71
C ARG B 105 31.36 -21.36 3.30
N LYS B 106 31.31 -20.99 2.03
CA LYS B 106 31.98 -19.77 1.57
C LYS B 106 31.53 -19.44 0.16
N LEU B 107 31.42 -18.15 -0.13
CA LEU B 107 30.64 -17.74 -1.30
C LEU B 107 31.58 -17.38 -2.41
N PRO B 108 31.17 -17.68 -3.66
CA PRO B 108 31.88 -17.10 -4.80
C PRO B 108 31.94 -15.59 -4.69
N GLU B 109 32.97 -15.02 -5.28
CA GLU B 109 33.16 -13.57 -5.28
C GLU B 109 31.98 -12.82 -5.91
N GLU B 110 31.41 -13.39 -6.97
CA GLU B 110 30.23 -12.82 -7.59
C GLU B 110 29.12 -12.66 -6.52
N HIS B 111 28.63 -13.77 -5.97
CA HIS B 111 27.66 -13.74 -4.87
C HIS B 111 27.93 -12.70 -3.81
N ALA B 112 29.11 -12.74 -3.20
CA ALA B 112 29.49 -11.76 -2.20
C ALA B 112 29.37 -10.33 -2.71
N ARG B 113 29.56 -10.20 -4.02
CA ARG B 113 29.48 -8.90 -4.69
C ARG B 113 28.03 -8.46 -4.67
N PHE B 114 27.14 -9.37 -5.05
CA PHE B 114 25.72 -9.06 -5.06
C PHE B 114 25.17 -8.60 -3.70
N TYR B 115 25.47 -9.37 -2.65
CA TYR B 115 25.03 -9.04 -1.29
C TYR B 115 25.62 -7.75 -0.73
N SER B 116 26.92 -7.59 -0.93
CA SER B 116 27.60 -6.40 -0.46
C SER B 116 27.14 -5.16 -1.24
N ALA B 117 26.68 -5.32 -2.48
CA ALA B 117 26.15 -4.18 -3.27
C ALA B 117 24.70 -3.80 -2.89
N GLU B 118 23.82 -4.79 -2.78
CA GLU B 118 22.51 -4.56 -2.17
C GLU B 118 22.64 -3.95 -0.75
N ILE B 119 23.57 -4.46 0.03
CA ILE B 119 23.75 -3.95 1.39
C ILE B 119 24.17 -2.50 1.32
N SER B 120 25.13 -2.20 0.45
CA SER B 120 25.70 -0.87 0.39
C SER B 120 24.62 0.17 0.12
N LEU B 121 23.67 -0.19 -0.73
CA LEU B 121 22.65 0.73 -1.10
C LEU B 121 21.76 1.01 0.09
N ALA B 122 21.39 -0.05 0.81
CA ALA B 122 20.57 0.08 2.01
C ALA B 122 21.29 0.91 3.06
N LEU B 123 22.59 0.68 3.23
CA LEU B 123 23.33 1.46 4.23
C LEU B 123 23.50 2.92 3.74
N ASN B 124 23.64 3.08 2.43
CA ASN B 124 23.79 4.45 1.92
C ASN B 124 22.48 5.19 2.10
N TYR B 125 21.38 4.54 1.72
CA TYR B 125 20.07 5.10 1.94
C TYR B 125 19.94 5.51 3.40
N LEU B 126 20.36 4.62 4.30
CA LEU B 126 20.35 4.94 5.73
C LEU B 126 21.13 6.22 5.96
N HIS B 127 22.33 6.27 5.43
CA HIS B 127 23.26 7.34 5.75
C HIS B 127 22.76 8.75 5.40
N GLU B 128 22.26 8.94 4.18
CA GLU B 128 21.72 10.23 3.78
C GLU B 128 20.30 10.47 4.31
N ARG B 129 19.76 9.49 5.05
CA ARG B 129 18.74 9.77 6.06
C ARG B 129 19.38 10.04 7.41
N GLY B 130 20.67 10.31 7.40
CA GLY B 130 21.37 10.73 8.60
C GLY B 130 21.40 9.66 9.66
N ILE B 131 21.42 8.39 9.23
CA ILE B 131 21.41 7.27 10.17
C ILE B 131 22.62 6.35 10.06
N ILE B 132 23.09 5.92 11.24
CA ILE B 132 24.17 4.95 11.39
C ILE B 132 23.66 3.64 12.02
N TYR B 133 23.67 2.58 11.21
CA TYR B 133 23.13 1.26 11.57
C TYR B 133 23.80 0.59 12.77
N ARG B 134 25.12 0.42 12.71
CA ARG B 134 25.91 0.01 13.89
C ARG B 134 25.72 -1.43 14.38
N ASP B 135 25.01 -2.25 13.62
CA ASP B 135 24.85 -3.65 14.03
C ASP B 135 24.89 -4.68 12.90
N LEU B 136 25.58 -4.33 11.83
CA LEU B 136 25.89 -5.27 10.77
C LEU B 136 26.47 -6.57 11.33
N LYS B 137 25.95 -7.68 10.82
CA LYS B 137 26.46 -9.02 11.11
C LYS B 137 25.60 -10.00 10.33
N LEU B 138 26.10 -11.23 10.16
CA LEU B 138 25.44 -12.23 9.29
C LEU B 138 23.98 -12.47 9.63
N ASP B 139 23.66 -12.59 10.90
CA ASP B 139 22.24 -12.83 11.23
C ASP B 139 21.36 -11.58 11.22
N ASN B 140 21.92 -10.41 10.96
CA ASN B 140 21.12 -9.22 10.79
C ASN B 140 20.94 -8.80 9.36
N VAL B 141 21.36 -9.68 8.44
CA VAL B 141 21.02 -9.54 7.05
C VAL B 141 20.10 -10.69 6.71
N LEU B 142 18.83 -10.36 6.50
CA LEU B 142 17.86 -11.34 6.07
C LEU B 142 17.88 -11.43 4.55
N LEU B 143 17.43 -12.57 4.04
CA LEU B 143 17.15 -12.69 2.61
C LEU B 143 15.65 -12.72 2.46
N ASP B 144 15.13 -11.94 1.53
CA ASP B 144 13.74 -12.10 1.18
C ASP B 144 13.57 -13.32 0.28
N SER B 145 12.32 -13.65 -0.04
CA SER B 145 12.02 -14.91 -0.68
C SER B 145 12.68 -15.04 -2.05
N GLU B 146 12.96 -13.91 -2.70
CA GLU B 146 13.60 -13.94 -4.03
C GLU B 146 15.13 -13.95 -3.96
N GLY B 147 15.69 -13.45 -2.86
CA GLY B 147 17.12 -13.52 -2.64
C GLY B 147 17.81 -12.19 -2.47
N HIS B 148 17.04 -11.11 -2.40
CA HIS B 148 17.56 -9.81 -1.99
C HIS B 148 17.72 -9.70 -0.47
N ILE B 149 18.62 -8.83 -0.02
CA ILE B 149 18.91 -8.72 1.40
C ILE B 149 17.99 -7.68 2.06
N LYS B 150 17.83 -7.78 3.38
CA LYS B 150 17.12 -6.79 4.15
C LYS B 150 17.86 -6.62 5.45
N LEU B 151 18.46 -5.46 5.66
CA LEU B 151 19.01 -5.14 6.96
C LEU B 151 17.88 -5.13 7.98
N THR B 152 18.12 -5.78 9.13
CA THR B 152 17.09 -5.90 10.16
C THR B 152 17.67 -5.57 11.56
N ASP B 153 16.81 -5.50 12.56
CA ASP B 153 17.23 -5.25 13.96
C ASP B 153 17.85 -3.88 14.15
N TYR B 154 17.00 -2.91 14.47
CA TYR B 154 17.41 -1.52 14.50
C TYR B 154 17.74 -1.08 15.92
N GLY B 155 17.83 -2.04 16.84
CA GLY B 155 17.96 -1.74 18.26
C GLY B 155 19.31 -1.20 18.70
N MET B 156 19.96 -0.40 17.85
CA MET B 156 21.30 0.13 18.15
C MET B 156 21.69 1.24 17.19
N CYS B 157 20.76 1.65 16.33
CA CYS B 157 21.05 2.73 15.42
C CYS B 157 21.35 4.02 16.19
N LYS B 158 22.01 4.97 15.53
CA LYS B 158 22.05 6.34 15.99
C LYS B 158 21.41 7.18 14.90
N GLU B 159 20.49 8.04 15.32
CA GLU B 159 19.46 8.55 14.42
C GLU B 159 19.50 10.07 14.22
N GLY B 160 20.40 10.75 14.94
CA GLY B 160 20.61 12.19 14.75
C GLY B 160 21.03 12.54 13.33
N GLY B 164 26.20 15.85 9.31
CA GLY B 164 27.59 16.30 9.38
C GLY B 164 28.22 15.97 10.72
N ASP B 165 27.40 15.43 11.62
CA ASP B 165 27.80 15.21 13.00
C ASP B 165 29.04 14.33 13.21
N THR B 166 29.22 13.93 14.46
CA THR B 166 29.79 12.64 14.82
C THR B 166 29.11 12.22 16.11
N THR B 167 29.41 11.02 16.61
CA THR B 167 28.76 10.52 17.83
C THR B 167 29.70 9.67 18.69
N SER B 168 29.19 9.14 19.81
CA SER B 168 30.08 8.73 20.90
C SER B 168 29.93 7.31 21.43
N TPO B 169 28.71 6.93 21.82
CA TPO B 169 28.46 5.79 22.73
CB TPO B 169 27.16 5.05 22.40
CG2 TPO B 169 26.99 3.84 23.31
OG1 TPO B 169 26.03 5.87 22.61
P TPO B 169 25.40 6.83 21.47
O1P TPO B 169 26.60 7.36 20.72
O2P TPO B 169 24.66 7.86 22.28
O3P TPO B 169 24.47 5.97 20.67
C TPO B 169 29.57 4.78 22.96
O TPO B 169 30.14 4.71 24.05
N PHE B 170 29.88 4.00 21.90
CA PHE B 170 30.59 2.71 21.97
C PHE B 170 29.66 1.51 22.08
N CYS B 171 29.56 0.74 20.98
CA CYS B 171 28.64 -0.41 20.91
C CYS B 171 28.83 -1.26 19.66
N GLY B 172 28.03 -2.31 19.55
CA GLY B 172 28.09 -3.21 18.39
C GLY B 172 28.12 -4.66 18.80
N THR B 173 28.52 -5.53 17.87
CA THR B 173 28.76 -6.93 18.17
C THR B 173 30.26 -7.19 17.99
N PRO B 174 30.90 -7.87 18.96
CA PRO B 174 32.37 -7.96 19.08
C PRO B 174 33.11 -8.01 17.74
N ASN B 175 32.81 -9.01 16.92
CA ASN B 175 33.59 -9.31 15.73
C ASN B 175 33.59 -8.15 14.71
N TYR B 176 32.58 -7.28 14.77
CA TYR B 176 32.41 -6.24 13.75
C TYR B 176 32.68 -4.81 14.22
N ILE B 177 33.10 -4.64 15.47
CA ILE B 177 33.44 -3.30 16.00
C ILE B 177 34.63 -2.65 15.27
N ALA B 178 34.49 -1.38 14.90
CA ALA B 178 35.51 -0.69 14.11
C ALA B 178 36.64 -0.12 14.97
N PRO B 179 37.85 -0.01 14.40
CA PRO B 179 38.97 0.46 15.22
C PRO B 179 38.62 1.78 15.87
N GLU B 180 38.18 2.75 15.07
CA GLU B 180 37.86 4.08 15.57
C GLU B 180 37.02 3.99 16.85
N ILE B 181 36.22 2.94 16.97
CA ILE B 181 35.38 2.70 18.15
C ILE B 181 36.19 2.06 19.28
N LEU B 182 37.28 1.37 18.94
CA LEU B 182 38.10 0.71 19.93
C LEU B 182 39.09 1.69 20.56
N ARG B 183 39.46 2.69 19.75
CA ARG B 183 40.39 3.73 20.16
C ARG B 183 39.78 4.70 21.19
N GLY B 184 38.46 4.57 21.40
CA GLY B 184 37.76 5.29 22.47
C GLY B 184 36.93 6.42 21.89
N GLU B 185 37.25 6.79 20.66
CA GLU B 185 36.81 8.04 20.04
C GLU B 185 35.37 8.06 19.50
N ASP B 186 35.08 9.06 18.69
CA ASP B 186 33.75 9.26 18.13
C ASP B 186 33.80 9.22 16.60
N TYR B 187 32.66 8.92 15.97
CA TYR B 187 32.69 8.42 14.60
C TYR B 187 31.42 8.72 13.80
N GLY B 188 31.48 8.44 12.50
CA GLY B 188 30.33 8.61 11.64
C GLY B 188 29.86 7.33 10.96
N PHE B 189 29.38 7.48 9.73
CA PHE B 189 28.99 6.37 8.87
C PHE B 189 30.19 5.48 8.51
N SER B 190 31.37 5.87 8.95
CA SER B 190 32.57 5.11 8.63
C SER B 190 32.43 3.66 9.08
N VAL B 191 31.91 3.48 10.28
CA VAL B 191 31.90 2.20 10.97
C VAL B 191 30.86 1.22 10.41
N ASP B 192 29.96 1.72 9.57
CA ASP B 192 29.08 0.83 8.82
C ASP B 192 29.88 0.19 7.70
N TRP B 193 30.69 1.02 7.04
CA TRP B 193 31.52 0.57 5.94
C TRP B 193 32.58 -0.41 6.43
N TRP B 194 33.08 -0.19 7.64
CA TRP B 194 34.03 -1.12 8.26
C TRP B 194 33.38 -2.45 8.31
N ALA B 195 32.25 -2.49 9.02
CA ALA B 195 31.49 -3.70 9.25
C ALA B 195 31.16 -4.42 7.96
N LEU B 196 30.87 -3.68 6.89
CA LEU B 196 30.70 -4.27 5.57
C LEU B 196 31.94 -5.02 5.11
N GLY B 197 33.12 -4.40 5.28
CA GLY B 197 34.41 -5.06 5.01
C GLY B 197 34.58 -6.41 5.68
N VAL B 198 34.34 -6.47 6.99
CA VAL B 198 34.43 -7.71 7.77
C VAL B 198 33.41 -8.78 7.32
N LEU B 199 32.19 -8.34 7.04
CA LEU B 199 31.14 -9.27 6.72
C LEU B 199 31.50 -9.85 5.38
N MET B 200 32.08 -9.01 4.54
CA MET B 200 32.54 -9.46 3.25
C MET B 200 33.64 -10.50 3.40
N PHE B 201 34.45 -10.36 4.43
CA PHE B 201 35.53 -11.31 4.71
C PHE B 201 34.95 -12.65 5.10
N GLU B 202 33.94 -12.61 5.95
CA GLU B 202 33.29 -13.82 6.36
C GLU B 202 32.63 -14.51 5.21
N MET B 203 32.13 -13.73 4.24
CA MET B 203 31.40 -14.30 3.10
C MET B 203 32.36 -14.98 2.14
N MET B 204 33.48 -14.32 1.86
CA MET B 204 34.36 -14.79 0.80
C MET B 204 35.41 -15.78 1.32
N ALA B 205 35.76 -15.65 2.61
CA ALA B 205 36.67 -16.54 3.28
C ALA B 205 36.00 -17.67 4.07
N GLY B 206 34.76 -17.43 4.51
CA GLY B 206 34.03 -18.39 5.35
C GLY B 206 34.59 -18.52 6.74
N ARG B 207 35.28 -17.49 7.20
CA ARG B 207 35.74 -17.42 8.60
C ARG B 207 35.90 -15.95 8.97
N SER B 208 35.90 -15.64 10.27
CA SER B 208 36.14 -14.25 10.69
C SER B 208 37.56 -13.84 10.40
N PRO B 209 37.76 -12.58 9.97
CA PRO B 209 39.09 -12.06 9.69
C PRO B 209 39.93 -11.95 10.95
N PHE B 210 39.33 -12.30 12.09
CA PHE B 210 40.02 -12.24 13.39
C PHE B 210 39.98 -13.55 14.16
N ASP B 211 39.47 -14.61 13.56
CA ASP B 211 39.27 -15.84 14.33
C ASP B 211 40.56 -16.24 15.04
N THR B 223 38.95 -14.96 24.54
CA THR B 223 39.02 -13.65 25.16
C THR B 223 38.63 -12.54 24.18
N GLU B 224 37.62 -11.77 24.55
CA GLU B 224 37.09 -10.77 23.65
C GLU B 224 37.91 -9.48 23.69
N ASP B 225 38.73 -9.35 24.74
CA ASP B 225 39.70 -8.26 24.80
C ASP B 225 40.78 -8.45 23.75
N TYR B 226 41.26 -9.68 23.62
CA TYR B 226 42.29 -9.99 22.65
C TYR B 226 41.84 -9.70 21.21
N LEU B 227 40.54 -9.88 20.96
CA LEU B 227 39.97 -9.57 19.65
C LEU B 227 40.17 -8.09 19.30
N PHE B 228 39.94 -7.23 20.29
CA PHE B 228 40.10 -5.79 20.12
C PHE B 228 41.55 -5.42 19.83
N GLN B 229 42.47 -5.94 20.63
CA GLN B 229 43.89 -5.77 20.35
C GLN B 229 44.18 -6.27 18.95
N VAL B 230 43.52 -7.36 18.55
CA VAL B 230 43.71 -7.88 17.20
C VAL B 230 43.19 -6.90 16.14
N ILE B 231 41.98 -6.39 16.31
CA ILE B 231 41.44 -5.46 15.31
C ILE B 231 42.34 -4.23 15.18
N LEU B 232 42.87 -3.77 16.31
CA LEU B 232 43.70 -2.57 16.36
C LEU B 232 45.11 -2.78 15.79
N GLU B 233 45.75 -3.88 16.20
CA GLU B 233 47.19 -4.04 16.04
C GLU B 233 47.60 -5.05 14.99
N LYS B 234 46.78 -6.07 14.77
CA LYS B 234 47.15 -7.15 13.86
C LYS B 234 46.90 -6.76 12.40
N GLN B 235 47.80 -7.20 11.52
CA GLN B 235 47.56 -7.08 10.09
C GLN B 235 46.50 -8.10 9.67
N ILE B 236 45.64 -7.68 8.76
CA ILE B 236 44.66 -8.59 8.21
C ILE B 236 45.27 -9.38 7.07
N ARG B 237 45.29 -10.70 7.23
CA ARG B 237 45.74 -11.61 6.17
C ARG B 237 44.61 -11.92 5.21
N ILE B 238 44.71 -11.42 3.98
CA ILE B 238 43.80 -11.83 2.90
C ILE B 238 44.12 -13.27 2.47
N PRO B 239 43.13 -14.17 2.55
CA PRO B 239 43.38 -15.55 2.10
C PRO B 239 43.95 -15.63 0.68
N ARG B 240 45.03 -16.41 0.56
CA ARG B 240 45.56 -16.90 -0.72
C ARG B 240 44.50 -17.03 -1.81
N SER B 241 43.46 -17.79 -1.49
CA SER B 241 42.42 -18.11 -2.46
C SER B 241 41.63 -16.90 -3.02
N LEU B 242 41.69 -15.75 -2.37
CA LEU B 242 40.94 -14.58 -2.89
C LEU B 242 41.56 -13.92 -4.13
N SER B 243 40.72 -13.43 -5.05
CA SER B 243 41.25 -12.69 -6.23
C SER B 243 41.83 -11.36 -5.75
N VAL B 244 42.63 -10.67 -6.58
CA VAL B 244 43.20 -9.37 -6.10
C VAL B 244 42.15 -8.27 -6.00
N LYS B 245 41.18 -8.28 -6.90
CA LYS B 245 40.10 -7.30 -6.78
C LYS B 245 39.30 -7.53 -5.50
N ALA B 246 39.16 -8.80 -5.08
CA ALA B 246 38.59 -9.09 -3.75
C ALA B 246 39.47 -8.60 -2.62
N ALA B 247 40.78 -8.84 -2.68
CA ALA B 247 41.67 -8.38 -1.61
C ALA B 247 41.83 -6.85 -1.66
N SER B 248 41.68 -6.28 -2.86
CA SER B 248 41.67 -4.82 -3.03
C SER B 248 40.43 -4.22 -2.35
N VAL B 249 39.24 -4.71 -2.68
CA VAL B 249 38.04 -4.11 -2.10
C VAL B 249 38.00 -4.42 -0.61
N LEU B 250 38.37 -5.66 -0.28
CA LEU B 250 38.57 -6.06 1.09
C LEU B 250 39.53 -5.10 1.78
N LYS B 251 40.57 -4.68 1.06
CA LYS B 251 41.59 -3.83 1.69
C LYS B 251 41.10 -2.41 1.92
N SER B 252 40.45 -1.85 0.89
CA SER B 252 39.80 -0.55 1.02
C SER B 252 38.90 -0.45 2.27
N PHE B 253 37.87 -1.30 2.37
CA PHE B 253 36.93 -1.30 3.53
C PHE B 253 37.62 -1.60 4.85
N LEU B 254 38.72 -2.34 4.81
CA LEU B 254 39.39 -2.76 6.04
C LEU B 254 40.71 -2.00 6.22
N ASN B 255 40.68 -0.70 5.94
CA ASN B 255 41.77 0.15 6.36
C ASN B 255 41.37 0.76 7.69
N LYS B 256 42.23 0.61 8.70
CA LYS B 256 41.88 1.05 10.06
C LYS B 256 41.81 2.59 10.20
N ASP B 257 42.28 3.29 9.18
CA ASP B 257 42.13 4.75 9.14
C ASP B 257 40.86 5.16 8.38
N PRO B 258 39.85 5.63 9.12
CA PRO B 258 38.59 6.15 8.59
C PRO B 258 38.76 7.10 7.40
N LYS B 259 39.64 8.09 7.51
CA LYS B 259 39.80 9.12 6.47
C LYS B 259 40.25 8.54 5.12
N GLU B 260 40.94 7.41 5.16
CA GLU B 260 41.47 6.79 3.95
C GLU B 260 40.55 5.63 3.51
N ARG B 261 39.62 5.26 4.38
CA ARG B 261 38.76 4.08 4.17
C ARG B 261 37.70 4.28 3.09
N LEU B 262 37.48 3.26 2.27
CA LEU B 262 36.50 3.33 1.18
C LEU B 262 35.11 3.73 1.68
N GLY B 263 34.38 4.45 0.84
CA GLY B 263 33.02 4.92 1.15
C GLY B 263 32.98 6.16 2.03
N CYS B 264 34.06 6.43 2.75
CA CYS B 264 34.04 7.40 3.84
C CYS B 264 34.45 8.80 3.42
N HIS B 265 34.55 9.06 2.12
CA HIS B 265 34.88 10.42 1.70
C HIS B 265 33.64 11.30 1.79
N PRO B 266 33.69 12.32 2.65
CA PRO B 266 32.49 13.07 3.03
C PRO B 266 31.64 13.48 1.85
N GLN B 267 32.23 13.58 0.67
CA GLN B 267 31.48 13.93 -0.53
C GLN B 267 31.25 12.73 -1.45
N THR B 268 32.34 12.16 -1.97
CA THR B 268 32.24 11.12 -3.00
C THR B 268 32.19 9.69 -2.43
N GLY B 269 31.93 9.55 -1.13
CA GLY B 269 32.06 8.27 -0.45
C GLY B 269 31.30 7.12 -1.10
N PHE B 270 30.06 7.35 -1.48
CA PHE B 270 29.29 6.24 -2.03
C PHE B 270 29.62 5.98 -3.51
N ALA B 271 29.96 7.05 -4.23
CA ALA B 271 30.47 6.93 -5.59
C ALA B 271 31.87 6.33 -5.57
N ASP B 272 32.56 6.48 -4.43
CA ASP B 272 33.87 5.84 -4.21
C ASP B 272 33.65 4.32 -4.36
N ILE B 273 32.72 3.81 -3.54
CA ILE B 273 32.29 2.44 -3.61
C ILE B 273 31.87 2.02 -5.01
N GLN B 274 30.88 2.71 -5.59
CA GLN B 274 30.30 2.29 -6.87
C GLN B 274 31.32 2.16 -8.02
N GLY B 275 32.30 3.04 -8.04
CA GLY B 275 33.29 3.03 -9.12
C GLY B 275 34.44 2.09 -8.84
N HIS B 276 34.36 1.32 -7.76
CA HIS B 276 35.49 0.44 -7.42
C HIS B 276 35.52 -0.79 -8.32
N PRO B 277 36.69 -1.06 -8.94
CA PRO B 277 36.79 -2.13 -9.92
C PRO B 277 36.19 -3.45 -9.43
N PHE B 278 36.22 -3.71 -8.12
CA PHE B 278 35.45 -4.84 -7.59
C PHE B 278 34.01 -4.79 -8.12
N PHE B 279 33.46 -3.58 -8.19
CA PHE B 279 32.04 -3.37 -8.45
C PHE B 279 31.74 -3.02 -9.90
N ARG B 280 32.78 -3.10 -10.72
CA ARG B 280 32.68 -2.82 -12.15
C ARG B 280 31.49 -3.51 -12.82
N ASN B 281 31.23 -4.76 -12.44
CA ASN B 281 30.15 -5.55 -13.05
C ASN B 281 28.78 -4.94 -12.86
N VAL B 282 28.63 -4.12 -11.83
CA VAL B 282 27.30 -3.90 -11.27
C VAL B 282 26.56 -2.71 -11.88
N ASP B 283 25.39 -3.00 -12.45
CA ASP B 283 24.45 -1.97 -12.85
C ASP B 283 23.66 -1.51 -11.62
N TRP B 284 24.12 -0.46 -10.97
CA TRP B 284 23.55 -0.01 -9.70
C TRP B 284 22.05 0.26 -9.73
N ASP B 285 21.59 0.99 -10.74
CA ASP B 285 20.17 1.37 -10.80
C ASP B 285 19.26 0.18 -11.10
N MET B 286 19.79 -0.84 -11.79
CA MET B 286 19.08 -2.12 -11.94
C MET B 286 19.05 -2.82 -10.57
N MET B 287 20.19 -2.81 -9.92
CA MET B 287 20.32 -3.30 -8.55
C MET B 287 19.24 -2.66 -7.68
N GLU B 288 19.31 -1.34 -7.56
CA GLU B 288 18.34 -0.58 -6.75
C GLU B 288 16.90 -1.00 -7.01
N GLN B 289 16.53 -1.18 -8.28
CA GLN B 289 15.16 -1.49 -8.64
C GLN B 289 14.89 -2.99 -8.61
N LYS B 290 15.90 -3.76 -8.21
CA LYS B 290 15.79 -5.21 -8.08
C LYS B 290 15.54 -5.93 -9.40
N GLN B 291 16.08 -5.41 -10.50
CA GLN B 291 16.09 -6.18 -11.74
C GLN B 291 17.42 -6.89 -11.96
N VAL B 292 18.20 -7.07 -10.88
CA VAL B 292 19.31 -8.04 -10.93
C VAL B 292 18.86 -9.37 -10.36
N VAL B 293 18.90 -10.42 -11.18
CA VAL B 293 18.60 -11.76 -10.70
C VAL B 293 19.55 -12.07 -9.53
N PRO B 294 18.99 -12.26 -8.31
CA PRO B 294 19.88 -12.64 -7.21
C PRO B 294 20.63 -13.90 -7.56
N PRO B 295 21.85 -14.07 -7.04
CA PRO B 295 22.66 -15.25 -7.38
C PRO B 295 22.09 -16.54 -6.77
N PHE B 296 21.17 -16.39 -5.83
CA PHE B 296 20.68 -17.52 -5.06
C PHE B 296 19.21 -17.28 -4.70
N LYS B 297 18.38 -18.26 -5.03
CA LYS B 297 16.96 -18.20 -4.79
C LYS B 297 16.66 -19.06 -3.59
N PRO B 298 16.24 -18.42 -2.48
CA PRO B 298 16.00 -19.18 -1.28
C PRO B 298 14.90 -20.21 -1.47
N ASN B 299 15.02 -21.33 -0.77
CA ASN B 299 13.94 -22.31 -0.72
C ASN B 299 12.80 -21.85 0.17
N ILE B 300 11.59 -21.82 -0.38
CA ILE B 300 10.41 -21.58 0.42
C ILE B 300 9.63 -22.88 0.56
N SER B 301 10.11 -23.77 1.43
CA SER B 301 9.37 -24.98 1.74
C SER B 301 8.44 -24.76 2.92
N GLY B 302 7.23 -25.31 2.84
CA GLY B 302 6.28 -25.25 3.96
C GLY B 302 5.58 -23.91 4.04
N GLU B 303 4.34 -23.92 4.53
CA GLU B 303 3.45 -22.76 4.41
C GLU B 303 4.12 -21.46 4.85
N PHE B 304 3.93 -20.42 4.05
CA PHE B 304 4.47 -19.11 4.35
C PHE B 304 6.00 -19.14 4.41
N GLY B 305 6.58 -20.29 4.12
CA GLY B 305 8.02 -20.42 4.07
C GLY B 305 8.62 -20.61 5.44
N LEU B 306 7.83 -21.14 6.36
CA LEU B 306 8.24 -21.16 7.74
C LEU B 306 9.48 -22.00 7.99
N ASP B 307 9.86 -22.84 7.02
CA ASP B 307 11.00 -23.75 7.21
C ASP B 307 12.32 -22.98 7.33
N ASN B 308 12.32 -21.74 6.86
CA ASN B 308 13.51 -20.89 7.00
C ASN B 308 13.69 -20.30 8.38
N PHE B 309 12.77 -20.61 9.29
CA PHE B 309 12.91 -20.19 10.68
C PHE B 309 13.21 -21.38 11.60
N ASP B 310 13.94 -21.12 12.68
CA ASP B 310 14.30 -22.14 13.63
C ASP B 310 13.08 -22.80 14.28
N SER B 311 12.99 -24.11 14.11
CA SER B 311 11.84 -24.91 14.53
C SER B 311 11.54 -24.81 16.04
N GLN B 312 12.49 -24.31 16.82
CA GLN B 312 12.18 -24.07 18.23
C GLN B 312 11.26 -22.86 18.46
N PHE B 313 11.14 -22.00 17.45
CA PHE B 313 10.17 -20.92 17.52
C PHE B 313 8.91 -21.38 16.87
N THR B 314 9.03 -22.01 15.71
CA THR B 314 7.86 -22.38 14.94
C THR B 314 7.06 -23.52 15.57
N ASN B 315 7.61 -24.14 16.61
CA ASN B 315 6.98 -25.28 17.27
C ASN B 315 6.12 -24.79 18.39
N GLU B 316 6.45 -23.60 18.89
CA GLU B 316 5.73 -22.96 19.98
C GLU B 316 4.23 -22.84 19.73
N PRO B 317 3.43 -22.87 20.82
CA PRO B 317 2.02 -22.52 20.71
C PRO B 317 1.89 -21.05 20.26
N VAL B 318 1.01 -20.82 19.30
CA VAL B 318 0.82 -19.48 18.72
C VAL B 318 -0.08 -18.68 19.65
N GLN B 319 0.51 -17.97 20.60
CA GLN B 319 -0.25 -17.40 21.68
C GLN B 319 0.61 -16.29 22.23
N LEU B 320 -0.04 -15.36 22.91
CA LEU B 320 0.66 -14.37 23.72
C LEU B 320 0.52 -14.68 25.21
N TPO B 321 1.62 -14.56 25.95
CA TPO B 321 1.66 -14.93 27.36
CB TPO B 321 3.12 -14.99 27.81
CG2 TPO B 321 3.28 -15.53 29.23
OG1 TPO B 321 3.90 -15.77 26.88
P TPO B 321 4.94 -15.02 25.90
O1P TPO B 321 5.70 -14.14 26.82
O2P TPO B 321 4.04 -14.26 24.94
O3P TPO B 321 5.72 -16.10 25.20
C TPO B 321 0.85 -14.05 28.30
O TPO B 321 1.12 -12.84 28.43
N PRO B 322 -0.14 -14.65 29.00
CA PRO B 322 -1.03 -13.94 29.92
C PRO B 322 -0.32 -13.00 30.88
N ASP B 323 -1.00 -11.90 31.20
CA ASP B 323 -0.39 -10.79 31.92
C ASP B 323 -0.16 -11.07 33.42
N ASP B 324 0.44 -10.09 34.10
CA ASP B 324 0.48 -10.02 35.57
C ASP B 324 0.10 -8.61 36.00
N ASP B 325 -1.08 -8.47 36.61
CA ASP B 325 -1.64 -7.16 36.99
C ASP B 325 -0.77 -6.34 37.96
N ASP B 326 0.03 -7.02 38.78
CA ASP B 326 0.90 -6.31 39.71
C ASP B 326 2.00 -5.57 38.99
N ILE B 327 2.40 -6.13 37.85
CA ILE B 327 3.34 -5.46 36.97
C ILE B 327 2.57 -4.55 36.04
N VAL B 328 1.57 -5.12 35.38
CA VAL B 328 0.84 -4.40 34.34
C VAL B 328 0.13 -3.19 34.93
N ARG B 329 -0.82 -3.42 35.84
CA ARG B 329 -1.43 -2.34 36.62
C ARG B 329 -0.37 -1.31 36.98
N LYS B 330 0.83 -1.82 37.23
CA LYS B 330 1.90 -1.02 37.80
C LYS B 330 2.83 -0.48 36.72
N ILE B 331 2.58 -0.87 35.47
CA ILE B 331 3.18 -0.22 34.30
C ILE B 331 2.67 1.21 34.17
N ASP B 332 3.56 2.12 33.86
CA ASP B 332 3.20 3.50 33.54
C ASP B 332 2.82 3.65 32.08
N GLN B 333 1.56 4.00 31.82
CA GLN B 333 1.04 4.09 30.44
C GLN B 333 1.34 5.41 29.77
N SER B 334 1.87 6.35 30.53
CA SER B 334 2.15 7.68 29.99
C SER B 334 3.25 7.63 28.93
N GLU B 335 4.24 6.79 29.14
CA GLU B 335 5.38 6.74 28.23
C GLU B 335 5.05 6.12 26.86
N PHE B 336 3.76 6.07 26.49
CA PHE B 336 3.36 5.39 25.25
C PHE B 336 2.26 6.06 24.43
N GLU B 337 2.02 7.35 24.66
CA GLU B 337 0.91 8.03 23.99
C GLU B 337 1.16 8.18 22.50
N GLY B 338 0.14 7.92 21.70
CA GLY B 338 0.28 8.01 20.25
C GLY B 338 1.47 7.21 19.72
N PHE B 339 1.84 6.14 20.43
CA PHE B 339 2.78 5.16 19.89
C PHE B 339 2.19 4.62 18.60
N GLU B 340 0.86 4.55 18.57
CA GLU B 340 0.13 4.14 17.38
C GLU B 340 0.69 4.80 16.13
N TYR B 341 0.59 4.10 15.01
CA TYR B 341 1.13 4.58 13.75
C TYR B 341 0.52 3.70 12.68
N ILE B 342 0.14 4.32 11.56
CA ILE B 342 -0.19 3.57 10.35
C ILE B 342 0.58 4.16 9.17
N ASN B 343 1.19 3.31 8.35
CA ASN B 343 1.94 3.82 7.20
C ASN B 343 1.02 4.59 6.22
N PRO B 344 1.58 5.60 5.52
CA PRO B 344 0.77 6.51 4.71
C PRO B 344 0.62 6.11 3.25
N LEU B 345 1.00 4.90 2.91
CA LEU B 345 0.79 4.40 1.54
C LEU B 345 -0.69 3.98 1.30
PG ATP C . -23.05 14.51 -6.26
O1G ATP C . -23.78 14.78 -4.98
O2G ATP C . -23.58 13.29 -6.99
O3G ATP C . -22.89 15.72 -7.17
PB ATP C . -20.27 14.88 -5.36
O1B ATP C . -19.67 13.92 -4.39
O2B ATP C . -20.66 16.27 -4.86
O3B ATP C . -21.55 14.05 -5.88
PA ATP C . -18.82 13.96 -7.66
O1A ATP C . -18.52 12.61 -7.08
O2A ATP C . -19.73 14.00 -8.87
O3A ATP C . -19.22 15.05 -6.55
O5' ATP C . -17.45 14.62 -8.15
C5' ATP C . -17.52 15.79 -8.94
C4' ATP C . -16.52 15.67 -10.07
O4' ATP C . -15.20 15.62 -9.51
C3' ATP C . -16.64 14.41 -10.91
O3' ATP C . -17.60 14.53 -11.97
C2' ATP C . -15.25 14.30 -11.47
O2' ATP C . -15.11 15.14 -12.63
C1' ATP C . -14.38 14.83 -10.34
N9 ATP C . -13.99 13.64 -9.57
C8 ATP C . -14.70 13.00 -8.63
N7 ATP C . -14.02 11.91 -8.17
C5 ATP C . -12.87 11.83 -8.83
C6 ATP C . -11.70 10.95 -8.85
N6 ATP C . -11.63 9.86 -8.06
N1 ATP C . -10.70 11.24 -9.70
C2 ATP C . -10.75 12.30 -10.54
N3 ATP C . -11.78 13.15 -10.56
C4 ATP C . -12.84 12.98 -9.75
PG ATP D . 17.74 -7.83 19.92
O1G ATP D . 17.49 -6.90 21.08
O2G ATP D . 18.89 -7.40 19.04
O3G ATP D . 17.67 -9.28 20.26
PB ATP D . 14.92 -7.87 19.08
O1B ATP D . 14.26 -6.59 18.61
O2B ATP D . 14.63 -8.40 20.46
O3B ATP D . 16.50 -7.58 18.87
PA ATP D . 15.16 -9.34 16.59
O1A ATP D . 15.01 -8.07 15.80
O2A ATP D . 16.50 -10.01 16.70
O3A ATP D . 14.54 -9.09 18.10
O5' ATP D . 14.12 -10.45 16.11
C5' ATP D . 14.19 -11.81 16.57
C4' ATP D . 14.10 -12.72 15.33
O4' ATP D . 12.84 -12.63 14.66
C3' ATP D . 15.10 -12.32 14.27
O3' ATP D . 16.36 -12.90 14.58
C2' ATP D . 14.52 -12.94 13.02
O2' ATP D . 14.83 -14.34 12.96
C1' ATP D . 13.04 -12.81 13.26
N9 ATP D . 12.62 -11.60 12.55
C8 ATP D . 12.81 -10.31 12.95
N7 ATP D . 12.29 -9.44 12.05
C5 ATP D . 11.73 -10.17 11.06
C6 ATP D . 11.03 -9.89 9.80
N6 ATP D . 10.82 -8.60 9.46
N1 ATP D . 10.67 -10.95 9.03
C2 ATP D . 10.88 -12.22 9.39
N3 ATP D . 11.50 -12.54 10.54
C4 ATP D . 11.94 -11.59 11.40
S SO4 E . 45.33 -19.07 3.71
O1 SO4 E . 45.97 -18.05 2.88
O2 SO4 E . 46.16 -20.28 3.69
O3 SO4 E . 45.20 -18.62 5.09
O4 SO4 E . 43.99 -19.33 3.19
#